data_8OI9
#
_entry.id   8OI9
#
_cell.length_a   92.490
_cell.length_b   92.490
_cell.length_c   186.884
_cell.angle_alpha   90.000
_cell.angle_beta   90.000
_cell.angle_gamma   90.000
#
_symmetry.space_group_name_H-M   'P 43 2 2'
#
loop_
_entity.id
_entity.type
_entity.pdbx_description
1 polymer 'Inosine-uridine preferring nucleoside hydrolase family protein'
2 non-polymer 'CALCIUM ION'
3 non-polymer 5-methyluridine
4 non-polymer "PIPERAZINE-N,N'-BIS(2-ETHANESULFONIC ACID)"
5 non-polymer 'MAGNESIUM ION'
6 non-polymer 'SULFATE ION'
7 non-polymer 'NICKEL (II) ION'
8 water water
#
_entity_poly.entity_id   1
_entity_poly.type   'polypeptide(L)'
_entity_poly.pdbx_seq_one_letter_code
;MSIKCALDCDPGHDDLAMIMLAVYSPKLDVQYISTTHGNQTVNKTYQNARRTLNLIKRADKIPVYRGYSKPLTRESVACP
EIHGESGLGGVDWSEIDRTMPRNPALDILGYKDESELRPDDFFKHLHRLVSAAEDKFDIISTGSETNIAQYLLAYPEDAK
KIRMTTMAGNFMIVGNIMPFAEFNVLIDPEAISNILQSGVDYTFAAPLDITHTVLVTEKVINDIKAATEPYSPKFTEMII
KLLFFFKDTYRDVFGFIDPPLHDPVAAFHLIAPEWFEHVRCHVDIETKGEYTYGCCCTNLILKKKDPTKIVKPDNATVCL
KLKEGGHDAFWNQMITVWGEIAKEIGK
;
_entity_poly.pdbx_strand_id   A,B
#
# COMPACT_ATOMS: atom_id res chain seq x y z
N MET A 1 -33.15 10.86 4.78
CA MET A 1 -33.32 9.40 4.96
C MET A 1 -32.38 8.62 4.03
N SER A 2 -31.71 9.32 3.11
CA SER A 2 -30.76 8.70 2.19
C SER A 2 -29.43 8.47 2.90
N ILE A 3 -28.71 7.42 2.49
CA ILE A 3 -27.44 7.06 3.09
C ILE A 3 -26.33 7.36 2.08
N LYS A 4 -25.42 8.25 2.45
CA LYS A 4 -24.24 8.54 1.63
C LYS A 4 -23.35 7.32 1.64
N CYS A 5 -22.79 6.99 0.47
CA CYS A 5 -21.92 5.83 0.35
C CYS A 5 -21.00 5.97 -0.85
N ALA A 6 -19.98 5.12 -0.86
CA ALA A 6 -19.07 4.93 -1.98
C ALA A 6 -19.11 3.47 -2.40
N LEU A 7 -18.94 3.22 -3.71
CA LEU A 7 -18.91 1.88 -4.25
C LEU A 7 -17.47 1.58 -4.67
N ASP A 8 -16.95 0.44 -4.25
CA ASP A 8 -15.66 -0.05 -4.70
C ASP A 8 -15.91 -1.38 -5.40
N CYS A 9 -15.53 -1.51 -6.67
CA CYS A 9 -15.95 -2.68 -7.44
C CYS A 9 -15.05 -2.93 -8.65
N ASP A 10 -15.32 -4.04 -9.36
CA ASP A 10 -14.54 -4.47 -10.51
C ASP A 10 -15.44 -4.97 -11.65
N PRO A 11 -16.29 -4.11 -12.26
CA PRO A 11 -17.27 -4.58 -13.23
C PRO A 11 -16.64 -5.18 -14.49
N GLY A 12 -17.09 -6.37 -14.92
CA GLY A 12 -17.90 -7.30 -14.15
C GLY A 12 -19.40 -7.06 -14.31
N HIS A 13 -20.12 -8.11 -14.75
CA HIS A 13 -21.56 -8.05 -15.00
C HIS A 13 -22.34 -7.87 -13.71
N ASP A 14 -21.93 -8.59 -12.66
CA ASP A 14 -22.51 -8.49 -11.34
C ASP A 14 -22.38 -7.05 -10.81
N ASP A 15 -21.19 -6.48 -10.94
CA ASP A 15 -20.90 -5.16 -10.41
C ASP A 15 -21.76 -4.14 -11.16
N LEU A 16 -21.96 -4.34 -12.46
CA LEU A 16 -22.79 -3.47 -13.28
C LEU A 16 -24.20 -3.39 -12.69
N ALA A 17 -24.76 -4.54 -12.29
CA ALA A 17 -26.09 -4.58 -11.71
C ALA A 17 -26.11 -3.86 -10.36
N MET A 18 -25.02 -4.00 -9.59
CA MET A 18 -24.91 -3.38 -8.28
C MET A 18 -24.87 -1.85 -8.43
N ILE A 19 -24.12 -1.36 -9.42
CA ILE A 19 -24.03 0.08 -9.68
C ILE A 19 -25.41 0.62 -10.00
N MET A 20 -26.12 -0.08 -10.88
CA MET A 20 -27.45 0.30 -11.29
C MET A 20 -28.37 0.43 -10.07
N LEU A 21 -28.35 -0.58 -9.21
CA LEU A 21 -29.19 -0.60 -8.02
C LEU A 21 -28.84 0.56 -7.09
N ALA A 22 -27.53 0.75 -6.82
CA ALA A 22 -27.09 1.74 -5.85
C ALA A 22 -27.41 3.14 -6.35
N VAL A 23 -27.13 3.40 -7.63
CA VAL A 23 -27.25 4.73 -8.18
C VAL A 23 -28.73 5.09 -8.31
N TYR A 24 -29.56 4.18 -8.83
CA TYR A 24 -30.97 4.52 -9.04
C TYR A 24 -31.81 4.40 -7.78
N SER A 25 -31.36 3.62 -6.78
CA SER A 25 -32.07 3.60 -5.51
C SER A 25 -32.06 4.99 -4.87
N PRO A 26 -33.23 5.55 -4.47
CA PRO A 26 -33.25 6.82 -3.73
C PRO A 26 -32.70 6.72 -2.31
N LYS A 27 -32.59 5.50 -1.77
CA LYS A 27 -32.10 5.31 -0.41
C LYS A 27 -30.58 5.44 -0.34
N LEU A 28 -29.86 5.17 -1.43
CA LEU A 28 -28.41 5.27 -1.46
C LEU A 28 -27.99 6.49 -2.26
N ASP A 29 -27.14 7.33 -1.64
CA ASP A 29 -26.62 8.54 -2.27
C ASP A 29 -25.15 8.30 -2.59
N VAL A 30 -24.88 7.81 -3.80
CA VAL A 30 -23.54 7.41 -4.23
C VAL A 30 -22.68 8.65 -4.43
N GLN A 31 -21.56 8.72 -3.70
CA GLN A 31 -20.65 9.86 -3.74
C GLN A 31 -19.61 9.68 -4.84
N TYR A 32 -19.11 8.44 -4.98
CA TYR A 32 -18.13 8.12 -6.00
C TYR A 32 -18.09 6.60 -6.17
N ILE A 33 -17.50 6.17 -7.30
CA ILE A 33 -17.19 4.77 -7.57
C ILE A 33 -15.67 4.67 -7.75
N SER A 34 -15.04 3.75 -7.01
CA SER A 34 -13.65 3.41 -7.24
C SER A 34 -13.58 2.01 -7.81
N THR A 35 -12.68 1.79 -8.78
CA THR A 35 -12.56 0.47 -9.36
C THR A 35 -11.22 -0.15 -8.96
N THR A 36 -11.21 -1.48 -8.98
CA THR A 36 -10.06 -2.27 -8.58
C THR A 36 -9.74 -3.30 -9.67
N HIS A 37 -8.57 -3.91 -9.55
CA HIS A 37 -8.17 -5.03 -10.38
C HIS A 37 -9.05 -6.24 -10.07
N GLY A 38 -9.20 -7.12 -11.07
CA GLY A 38 -9.86 -8.40 -10.88
C GLY A 38 -9.41 -9.37 -11.97
N ASN A 39 -10.40 -10.04 -12.59
CA ASN A 39 -10.19 -10.82 -13.79
C ASN A 39 -9.65 -9.96 -14.93
N GLN A 40 -10.08 -8.69 -14.97
CA GLN A 40 -9.58 -7.73 -15.92
C GLN A 40 -8.76 -6.67 -15.19
N THR A 41 -7.96 -5.92 -15.95
CA THR A 41 -7.12 -4.89 -15.39
C THR A 41 -8.00 -3.78 -14.79
N VAL A 42 -7.40 -3.00 -13.89
CA VAL A 42 -8.14 -1.91 -13.25
C VAL A 42 -8.51 -0.85 -14.30
N ASN A 43 -7.73 -0.74 -15.39
CA ASN A 43 -8.09 0.21 -16.44
C ASN A 43 -9.36 -0.25 -17.16
N LYS A 44 -9.54 -1.56 -17.33
CA LYS A 44 -10.74 -2.09 -17.94
C LYS A 44 -11.94 -2.00 -16.99
N THR A 45 -11.74 -2.27 -15.68
CA THR A 45 -12.85 -2.16 -14.73
C THR A 45 -13.29 -0.69 -14.61
N TYR A 46 -12.32 0.24 -14.68
CA TYR A 46 -12.63 1.66 -14.73
C TYR A 46 -13.56 1.98 -15.90
N GLN A 47 -13.18 1.56 -17.11
CA GLN A 47 -13.99 1.83 -18.29
CA GLN A 47 -13.97 1.81 -18.31
C GLN A 47 -15.35 1.17 -18.15
N ASN A 48 -15.41 -0.03 -17.56
CA ASN A 48 -16.68 -0.74 -17.42
C ASN A 48 -17.61 -0.04 -16.44
N ALA A 49 -17.07 0.55 -15.37
CA ALA A 49 -17.88 1.36 -14.46
C ALA A 49 -18.47 2.55 -15.20
N ARG A 50 -17.64 3.19 -16.04
CA ARG A 50 -18.08 4.36 -16.78
C ARG A 50 -19.10 3.98 -17.85
N ARG A 51 -18.91 2.82 -18.48
CA ARG A 51 -19.88 2.28 -19.42
C ARG A 51 -21.24 2.10 -18.76
N THR A 52 -21.24 1.49 -17.56
CA THR A 52 -22.46 1.29 -16.81
C THR A 52 -23.15 2.63 -16.57
N LEU A 53 -22.41 3.61 -16.05
CA LEU A 53 -22.97 4.91 -15.72
C LEU A 53 -23.55 5.59 -16.97
N ASN A 54 -22.85 5.48 -18.11
CA ASN A 54 -23.29 6.18 -19.31
C ASN A 54 -24.54 5.49 -19.89
N LEU A 55 -24.61 4.16 -19.79
CA LEU A 55 -25.79 3.44 -20.23
C LEU A 55 -27.03 3.93 -19.48
N ILE A 56 -26.87 4.22 -18.17
CA ILE A 56 -28.00 4.59 -17.32
C ILE A 56 -28.08 6.11 -17.14
N LYS A 57 -27.35 6.88 -17.95
CA LYS A 57 -27.46 8.33 -18.01
C LYS A 57 -26.98 8.96 -16.70
N ARG A 58 -25.82 8.55 -16.19
CA ARG A 58 -25.31 9.08 -14.93
C ARG A 58 -23.79 9.31 -14.97
N ALA A 59 -23.16 9.15 -16.14
CA ALA A 59 -21.70 9.27 -16.26
C ALA A 59 -21.25 10.72 -16.07
N ASP A 60 -22.18 11.66 -16.25
CA ASP A 60 -21.90 13.08 -16.04
C ASP A 60 -22.16 13.48 -14.59
N LYS A 61 -22.63 12.54 -13.75
CA LYS A 61 -23.09 12.86 -12.40
C LYS A 61 -22.21 12.25 -11.32
N ILE A 62 -21.58 11.10 -11.60
CA ILE A 62 -20.90 10.35 -10.56
C ILE A 62 -19.42 10.23 -10.89
N PRO A 63 -18.52 10.76 -10.03
CA PRO A 63 -17.08 10.62 -10.25
C PRO A 63 -16.63 9.17 -10.08
N VAL A 64 -15.78 8.70 -11.00
CA VAL A 64 -15.22 7.37 -10.98
C VAL A 64 -13.70 7.47 -10.85
N TYR A 65 -13.15 6.76 -9.88
CA TYR A 65 -11.72 6.71 -9.64
C TYR A 65 -11.17 5.35 -10.10
N ARG A 66 -9.97 5.38 -10.67
CA ARG A 66 -9.26 4.19 -11.08
C ARG A 66 -8.23 3.85 -10.01
N GLY A 67 -8.43 2.70 -9.35
CA GLY A 67 -7.65 2.32 -8.19
C GLY A 67 -6.43 1.46 -8.53
N TYR A 68 -6.07 0.57 -7.59
CA TYR A 68 -4.80 -0.13 -7.64
C TYR A 68 -4.86 -1.28 -8.66
N SER A 69 -3.71 -1.54 -9.28
CA SER A 69 -3.62 -2.44 -10.43
C SER A 69 -3.35 -3.88 -10.01
N LYS A 70 -2.91 -4.10 -8.76
CA LYS A 70 -2.54 -5.43 -8.31
C LYS A 70 -2.72 -5.55 -6.79
N PRO A 71 -2.73 -6.79 -6.23
CA PRO A 71 -2.79 -6.98 -4.79
C PRO A 71 -1.61 -6.38 -4.04
N LEU A 72 -1.73 -6.30 -2.71
CA LEU A 72 -0.70 -5.73 -1.86
C LEU A 72 0.62 -6.46 -2.03
N THR A 73 0.60 -7.81 -1.93
CA THR A 73 1.82 -8.58 -1.88
C THR A 73 1.79 -9.82 -2.79
N ARG A 74 0.76 -9.95 -3.63
CA ARG A 74 0.64 -11.05 -4.57
C ARG A 74 0.51 -10.47 -5.97
N GLU A 75 0.63 -11.35 -6.97
CA GLU A 75 0.51 -10.97 -8.37
C GLU A 75 -0.97 -10.87 -8.76
N SER A 76 -1.25 -9.98 -9.70
CA SER A 76 -2.55 -9.86 -10.33
C SER A 76 -2.88 -11.16 -11.06
N VAL A 77 -4.17 -11.47 -11.18
CA VAL A 77 -4.63 -12.57 -12.02
C VAL A 77 -5.30 -12.03 -13.29
N ALA A 78 -5.12 -10.72 -13.56
CA ALA A 78 -5.80 -10.07 -14.67
C ALA A 78 -5.23 -10.57 -16.00
N CYS A 79 -6.14 -10.81 -16.97
CA CYS A 79 -5.76 -11.29 -18.30
C CYS A 79 -5.53 -10.12 -19.24
N PRO A 80 -4.79 -10.32 -20.36
CA PRO A 80 -4.72 -9.30 -21.42
C PRO A 80 -6.09 -9.07 -22.06
N SER A 86 -13.00 -7.66 -22.64
CA SER A 86 -13.55 -6.36 -22.16
C SER A 86 -13.79 -6.41 -20.65
N GLY A 87 -14.37 -7.52 -20.19
CA GLY A 87 -14.83 -7.64 -18.81
C GLY A 87 -16.33 -7.41 -18.68
N LEU A 88 -16.97 -6.97 -19.79
CA LEU A 88 -18.41 -6.80 -19.89
C LEU A 88 -18.93 -7.35 -21.21
N GLY A 89 -18.60 -8.61 -21.52
CA GLY A 89 -19.02 -9.23 -22.76
C GLY A 89 -20.53 -9.34 -22.88
N GLY A 90 -21.03 -9.48 -24.11
CA GLY A 90 -22.44 -9.74 -24.35
C GLY A 90 -23.13 -8.63 -25.14
N VAL A 91 -22.58 -7.41 -25.08
CA VAL A 91 -23.17 -6.28 -25.77
C VAL A 91 -22.07 -5.49 -26.46
N ASP A 92 -22.47 -4.63 -27.40
CA ASP A 92 -21.55 -3.77 -28.12
C ASP A 92 -21.53 -2.39 -27.44
N TRP A 93 -20.36 -2.01 -26.92
CA TRP A 93 -20.22 -0.79 -26.13
C TRP A 93 -19.70 0.38 -26.97
N SER A 94 -19.56 0.21 -28.29
CA SER A 94 -18.85 1.20 -29.08
C SER A 94 -19.55 2.56 -29.05
N GLU A 95 -20.88 2.57 -29.07
CA GLU A 95 -21.62 3.82 -28.99
C GLU A 95 -21.52 4.43 -27.59
N ILE A 96 -21.65 3.60 -26.55
CA ILE A 96 -21.55 4.06 -25.17
C ILE A 96 -20.16 4.65 -24.93
N ASP A 97 -19.13 4.03 -25.51
CA ASP A 97 -17.76 4.48 -25.36
C ASP A 97 -17.57 5.85 -26.00
N ARG A 98 -18.05 6.03 -27.23
CA ARG A 98 -17.72 7.24 -27.96
C ARG A 98 -18.59 8.42 -27.48
N THR A 99 -19.77 8.15 -26.89
CA THR A 99 -20.60 9.22 -26.33
C THR A 99 -20.25 9.49 -24.87
N MET A 100 -19.20 8.86 -24.34
CA MET A 100 -18.85 8.97 -22.94
C MET A 100 -18.58 10.42 -22.58
N PRO A 101 -19.30 11.01 -21.60
CA PRO A 101 -18.96 12.34 -21.09
C PRO A 101 -17.71 12.35 -20.21
N ARG A 102 -17.20 13.56 -19.95
CA ARG A 102 -16.05 13.76 -19.10
C ARG A 102 -16.34 13.20 -17.70
N ASN A 103 -15.35 12.53 -17.13
CA ASN A 103 -15.43 12.01 -15.78
C ASN A 103 -15.38 13.17 -14.78
N PRO A 104 -16.45 13.39 -13.98
CA PRO A 104 -16.44 14.46 -12.97
C PRO A 104 -15.28 14.40 -11.96
N ALA A 105 -14.65 13.24 -11.81
CA ALA A 105 -13.50 13.11 -10.94
C ALA A 105 -12.36 14.02 -11.39
N LEU A 106 -12.25 14.26 -12.70
CA LEU A 106 -11.13 15.03 -13.24
C LEU A 106 -11.15 16.45 -12.71
N ASP A 107 -12.34 17.06 -12.60
CA ASP A 107 -12.48 18.41 -12.07
C ASP A 107 -12.25 18.43 -10.55
N ILE A 108 -12.66 17.37 -9.85
CA ILE A 108 -12.42 17.29 -8.41
C ILE A 108 -10.91 17.29 -8.15
N LEU A 109 -10.16 16.62 -9.03
CA LEU A 109 -8.73 16.40 -8.85
C LEU A 109 -7.90 17.51 -9.47
N GLY A 110 -8.51 18.33 -10.34
CA GLY A 110 -7.79 19.35 -11.09
C GLY A 110 -6.93 18.76 -12.21
N TYR A 111 -7.37 17.62 -12.75
CA TYR A 111 -6.70 16.96 -13.87
C TYR A 111 -7.33 17.39 -15.19
N LYS A 112 -6.54 17.35 -16.25
CA LYS A 112 -7.02 17.69 -17.59
C LYS A 112 -7.52 16.45 -18.32
N ASP A 113 -6.96 15.26 -18.03
CA ASP A 113 -7.37 14.05 -18.73
C ASP A 113 -7.15 12.81 -17.87
N GLU A 114 -7.71 11.68 -18.33
CA GLU A 114 -7.80 10.44 -17.56
C GLU A 114 -6.43 9.79 -17.37
N SER A 115 -5.45 10.12 -18.21
CA SER A 115 -4.12 9.52 -18.09
C SER A 115 -3.42 10.00 -16.81
N GLU A 116 -3.93 11.07 -16.19
CA GLU A 116 -3.38 11.57 -14.94
C GLU A 116 -3.96 10.85 -13.72
N LEU A 117 -5.00 10.01 -13.91
CA LEU A 117 -5.59 9.31 -12.79
C LEU A 117 -4.55 8.38 -12.16
N ARG A 118 -4.49 8.41 -10.82
CA ARG A 118 -3.56 7.59 -10.05
C ARG A 118 -4.37 6.79 -9.04
N PRO A 119 -3.88 5.60 -8.60
CA PRO A 119 -4.63 4.73 -7.70
C PRO A 119 -5.09 5.38 -6.39
N ASP A 120 -4.32 6.33 -5.85
CA ASP A 120 -4.62 6.94 -4.57
C ASP A 120 -5.46 8.20 -4.71
N ASP A 121 -5.94 8.52 -5.92
CA ASP A 121 -6.75 9.72 -6.14
C ASP A 121 -7.95 9.78 -5.21
N PHE A 122 -8.63 8.66 -4.97
CA PHE A 122 -9.87 8.66 -4.21
C PHE A 122 -9.64 9.02 -2.74
N PHE A 123 -8.40 8.91 -2.25
CA PHE A 123 -8.14 9.00 -0.81
C PHE A 123 -8.70 10.28 -0.21
N LYS A 124 -8.43 11.44 -0.79
CA LYS A 124 -8.79 12.71 -0.18
C LYS A 124 -10.31 12.87 -0.13
N HIS A 125 -10.99 12.40 -1.18
CA HIS A 125 -12.44 12.45 -1.25
C HIS A 125 -13.04 11.58 -0.14
N LEU A 126 -12.56 10.33 -0.01
CA LEU A 126 -13.06 9.46 1.04
C LEU A 126 -12.81 10.07 2.42
N HIS A 127 -11.63 10.66 2.63
CA HIS A 127 -11.29 11.22 3.93
C HIS A 127 -12.24 12.38 4.28
N ARG A 128 -12.58 13.23 3.29
CA ARG A 128 -13.55 14.29 3.51
C ARG A 128 -14.87 13.70 3.98
N LEU A 129 -15.30 12.60 3.34
CA LEU A 129 -16.61 12.00 3.64
C LEU A 129 -16.59 11.36 5.02
N VAL A 130 -15.49 10.67 5.35
CA VAL A 130 -15.34 9.99 6.63
C VAL A 130 -15.33 11.03 7.75
N SER A 131 -14.59 12.13 7.53
CA SER A 131 -14.48 13.21 8.52
C SER A 131 -15.84 13.86 8.77
N ALA A 132 -16.66 13.99 7.71
CA ALA A 132 -17.94 14.66 7.82
C ALA A 132 -19.02 13.75 8.40
N ALA A 133 -18.81 12.43 8.39
CA ALA A 133 -19.84 11.50 8.82
C ALA A 133 -20.09 11.66 10.31
N GLU A 134 -21.37 11.61 10.69
CA GLU A 134 -21.75 11.76 12.09
C GLU A 134 -21.31 10.53 12.88
N ASP A 135 -21.42 9.35 12.27
CA ASP A 135 -21.14 8.09 12.97
C ASP A 135 -20.05 7.35 12.20
N LYS A 136 -20.44 6.63 11.14
CA LYS A 136 -19.49 5.97 10.26
C LYS A 136 -19.91 6.22 8.82
N PHE A 137 -18.96 6.19 7.89
CA PHE A 137 -19.27 6.33 6.48
C PHE A 137 -19.34 4.94 5.85
N ASP A 138 -20.31 4.75 4.95
CA ASP A 138 -20.63 3.45 4.38
C ASP A 138 -19.94 3.25 3.04
N ILE A 139 -19.18 2.16 2.95
CA ILE A 139 -18.56 1.71 1.72
C ILE A 139 -19.14 0.36 1.34
N ILE A 140 -19.60 0.24 0.08
CA ILE A 140 -20.00 -1.04 -0.50
C ILE A 140 -18.85 -1.54 -1.39
N SER A 141 -18.39 -2.76 -1.12
CA SER A 141 -17.23 -3.34 -1.80
C SER A 141 -17.63 -4.67 -2.42
N THR A 142 -17.39 -4.83 -3.74
CA THR A 142 -17.84 -6.02 -4.47
C THR A 142 -16.76 -6.55 -5.42
N GLY A 143 -15.50 -6.19 -5.20
CA GLY A 143 -14.36 -6.83 -5.84
C GLY A 143 -13.28 -7.11 -4.81
N SER A 144 -12.01 -7.19 -5.24
CA SER A 144 -10.89 -7.22 -4.31
C SER A 144 -10.95 -5.97 -3.43
N GLU A 145 -10.40 -6.06 -2.23
CA GLU A 145 -10.52 -4.98 -1.26
C GLU A 145 -9.18 -4.27 -1.10
N THR A 146 -8.33 -4.41 -2.12
CA THR A 146 -7.01 -3.78 -2.15
C THR A 146 -7.11 -2.27 -1.93
N ASN A 147 -8.09 -1.63 -2.58
CA ASN A 147 -8.22 -0.18 -2.53
C ASN A 147 -8.44 0.29 -1.10
N ILE A 148 -9.34 -0.38 -0.38
CA ILE A 148 -9.68 0.00 0.98
C ILE A 148 -8.50 -0.31 1.90
N ALA A 149 -7.81 -1.44 1.69
CA ALA A 149 -6.64 -1.75 2.49
C ALA A 149 -5.57 -0.67 2.31
N GLN A 150 -5.38 -0.20 1.06
CA GLN A 150 -4.38 0.82 0.76
CA GLN A 150 -4.38 0.81 0.77
C GLN A 150 -4.78 2.12 1.44
N TYR A 151 -6.07 2.45 1.42
CA TYR A 151 -6.58 3.63 2.07
C TYR A 151 -6.28 3.61 3.58
N LEU A 152 -6.56 2.47 4.22
CA LEU A 152 -6.39 2.35 5.67
C LEU A 152 -4.90 2.39 6.06
N LEU A 153 -4.01 1.97 5.15
CA LEU A 153 -2.58 2.10 5.42
C LEU A 153 -2.17 3.56 5.41
N ALA A 154 -2.86 4.39 4.60
CA ALA A 154 -2.56 5.81 4.53
C ALA A 154 -3.32 6.61 5.59
N TYR A 155 -4.52 6.13 5.98
CA TYR A 155 -5.37 6.80 6.96
C TYR A 155 -5.80 5.85 8.07
N PRO A 156 -4.89 5.31 8.90
CA PRO A 156 -5.25 4.28 9.87
C PRO A 156 -6.30 4.72 10.89
N GLU A 157 -6.30 6.02 11.24
CA GLU A 157 -7.22 6.57 12.23
CA GLU A 157 -7.21 6.56 12.23
C GLU A 157 -8.64 6.66 11.68
N ASP A 158 -8.83 6.45 10.37
CA ASP A 158 -10.17 6.52 9.77
C ASP A 158 -10.90 5.19 9.87
N ALA A 159 -10.18 4.11 10.22
CA ALA A 159 -10.77 2.77 10.26
C ALA A 159 -12.03 2.76 11.13
N LYS A 160 -11.95 3.43 12.28
CA LYS A 160 -13.01 3.38 13.28
C LYS A 160 -14.25 4.15 12.84
N LYS A 161 -14.16 4.90 11.72
CA LYS A 161 -15.30 5.65 11.21
C LYS A 161 -15.76 5.10 9.86
N ILE A 162 -15.35 3.88 9.49
CA ILE A 162 -15.79 3.27 8.25
C ILE A 162 -16.60 2.02 8.54
N ARG A 163 -17.72 1.89 7.84
CA ARG A 163 -18.54 0.70 7.83
C ARG A 163 -18.49 0.10 6.43
N MET A 164 -18.11 -1.17 6.33
CA MET A 164 -18.02 -1.85 5.06
C MET A 164 -19.11 -2.91 4.91
N THR A 165 -19.78 -2.90 3.74
CA THR A 165 -20.77 -3.88 3.35
C THR A 165 -20.29 -4.54 2.06
N THR A 166 -19.99 -5.85 2.11
CA THR A 166 -19.26 -6.45 1.01
C THR A 166 -20.00 -7.65 0.43
N MET A 167 -19.69 -7.90 -0.83
CA MET A 167 -19.89 -9.20 -1.43
C MET A 167 -18.52 -9.86 -1.43
N ALA A 168 -18.39 -10.95 -0.67
CA ALA A 168 -17.13 -11.61 -0.43
C ALA A 168 -17.34 -12.84 0.43
N GLY A 169 -16.53 -13.86 0.17
CA GLY A 169 -16.39 -15.00 1.07
C GLY A 169 -17.45 -16.07 0.87
N ASN A 170 -17.21 -17.19 1.57
CA ASN A 170 -18.12 -18.31 1.67
C ASN A 170 -17.85 -18.92 3.03
N PHE A 171 -18.90 -19.43 3.70
CA PHE A 171 -18.77 -19.80 5.10
C PHE A 171 -19.26 -21.22 5.32
N MET A 172 -20.52 -21.48 4.98
CA MET A 172 -21.16 -22.76 5.23
C MET A 172 -21.28 -23.56 3.93
N ILE A 173 -20.79 -23.00 2.82
CA ILE A 173 -20.63 -23.75 1.57
C ILE A 173 -19.21 -23.52 1.07
N VAL A 174 -18.83 -24.24 0.02
CA VAL A 174 -17.46 -24.20 -0.49
C VAL A 174 -17.30 -22.99 -1.43
N GLY A 175 -16.10 -22.82 -1.98
CA GLY A 175 -15.74 -21.66 -2.78
C GLY A 175 -16.14 -21.81 -4.24
N ASN A 176 -15.65 -20.90 -5.09
CA ASN A 176 -15.95 -20.95 -6.52
C ASN A 176 -14.67 -21.17 -7.30
N ILE A 177 -13.80 -20.15 -7.35
CA ILE A 177 -12.60 -20.17 -8.18
C ILE A 177 -11.54 -21.09 -7.56
N MET A 178 -11.59 -21.28 -6.25
CA MET A 178 -10.73 -22.25 -5.58
CA MET A 178 -10.73 -22.25 -5.58
C MET A 178 -11.61 -23.12 -4.68
N PRO A 179 -11.14 -24.32 -4.26
CA PRO A 179 -12.02 -25.26 -3.57
C PRO A 179 -12.81 -24.69 -2.40
N PHE A 180 -12.17 -23.88 -1.55
CA PHE A 180 -12.83 -23.45 -0.31
C PHE A 180 -12.86 -21.94 -0.15
N ALA A 181 -12.54 -21.19 -1.21
CA ALA A 181 -12.46 -19.74 -1.11
C ALA A 181 -13.16 -19.10 -2.30
N GLU A 182 -13.53 -17.84 -2.08
CA GLU A 182 -14.28 -17.03 -3.02
C GLU A 182 -13.33 -16.02 -3.67
N PHE A 183 -13.63 -15.69 -4.93
CA PHE A 183 -12.76 -14.91 -5.80
C PHE A 183 -12.28 -13.61 -5.15
N ASN A 184 -13.24 -12.80 -4.67
CA ASN A 184 -12.92 -11.48 -4.13
C ASN A 184 -11.93 -11.54 -2.96
N VAL A 185 -12.00 -12.58 -2.14
CA VAL A 185 -11.06 -12.72 -1.02
C VAL A 185 -9.72 -13.25 -1.52
N LEU A 186 -9.74 -14.34 -2.31
CA LEU A 186 -8.51 -15.04 -2.64
C LEU A 186 -7.62 -14.23 -3.58
N ILE A 187 -8.15 -13.23 -4.28
CA ILE A 187 -7.35 -12.40 -5.16
CA ILE A 187 -7.31 -12.43 -5.16
C ILE A 187 -6.46 -11.45 -4.35
N ASP A 188 -6.92 -11.05 -3.14
CA ASP A 188 -6.06 -10.29 -2.23
C ASP A 188 -6.46 -10.55 -0.78
N PRO A 189 -6.06 -11.70 -0.22
CA PRO A 189 -6.48 -12.06 1.13
C PRO A 189 -5.85 -11.18 2.20
N GLU A 190 -4.63 -10.71 1.95
CA GLU A 190 -3.93 -9.83 2.88
C GLU A 190 -4.71 -8.53 3.06
N ALA A 191 -5.36 -8.05 1.98
CA ALA A 191 -6.13 -6.82 2.07
C ALA A 191 -7.27 -6.99 3.06
N ILE A 192 -8.05 -8.07 2.94
CA ILE A 192 -9.19 -8.25 3.82
C ILE A 192 -8.71 -8.55 5.23
N SER A 193 -7.60 -9.31 5.35
CA SER A 193 -6.99 -9.55 6.65
C SER A 193 -6.66 -8.22 7.34
N ASN A 194 -6.01 -7.30 6.62
CA ASN A 194 -5.68 -5.99 7.15
C ASN A 194 -6.94 -5.26 7.61
N ILE A 195 -8.00 -5.30 6.79
CA ILE A 195 -9.20 -4.54 7.06
C ILE A 195 -9.87 -5.03 8.35
N LEU A 196 -9.95 -6.35 8.51
CA LEU A 196 -10.59 -6.94 9.69
C LEU A 196 -9.81 -6.60 10.96
N GLN A 197 -8.50 -6.40 10.86
CA GLN A 197 -7.68 -6.06 12.01
C GLN A 197 -7.67 -4.55 12.29
N SER A 198 -8.25 -3.73 11.40
CA SER A 198 -7.99 -2.29 11.40
C SER A 198 -8.90 -1.55 12.38
N GLY A 199 -10.09 -2.11 12.67
CA GLY A 199 -11.12 -1.40 13.43
C GLY A 199 -12.34 -1.05 12.58
N VAL A 200 -12.32 -1.42 11.28
CA VAL A 200 -13.47 -1.23 10.42
C VAL A 200 -14.64 -2.07 10.93
N ASP A 201 -15.85 -1.52 10.84
CA ASP A 201 -17.07 -2.27 11.09
C ASP A 201 -17.47 -3.01 9.81
N TYR A 202 -17.22 -4.32 9.79
CA TYR A 202 -17.23 -5.10 8.57
C TYR A 202 -18.41 -6.08 8.55
N THR A 203 -19.19 -6.06 7.47
CA THR A 203 -20.26 -7.02 7.27
C THR A 203 -20.03 -7.79 5.97
N PHE A 204 -19.93 -9.12 6.10
CA PHE A 204 -20.06 -10.01 4.97
C PHE A 204 -21.54 -10.14 4.64
N ALA A 205 -22.05 -9.20 3.84
CA ALA A 205 -23.48 -9.08 3.59
C ALA A 205 -23.94 -10.06 2.53
N ALA A 206 -23.04 -10.45 1.61
CA ALA A 206 -23.42 -11.26 0.46
C ALA A 206 -22.32 -12.26 0.17
N PRO A 207 -22.09 -13.26 1.05
CA PRO A 207 -21.20 -14.37 0.73
C PRO A 207 -21.90 -15.30 -0.26
N LEU A 208 -21.15 -16.26 -0.81
CA LEU A 208 -21.72 -17.23 -1.73
C LEU A 208 -22.92 -17.93 -1.09
N ASP A 209 -22.86 -18.12 0.25
CA ASP A 209 -23.96 -18.71 1.00
C ASP A 209 -25.29 -18.08 0.61
N ILE A 210 -25.30 -16.76 0.39
CA ILE A 210 -26.52 -16.06 -0.01
C ILE A 210 -26.62 -15.99 -1.53
N THR A 211 -25.57 -15.54 -2.19
CA THR A 211 -25.65 -15.21 -3.62
C THR A 211 -25.93 -16.44 -4.48
N HIS A 212 -25.56 -17.63 -4.00
CA HIS A 212 -25.87 -18.86 -4.73
C HIS A 212 -27.35 -19.22 -4.62
N THR A 213 -28.12 -18.50 -3.80
CA THR A 213 -29.57 -18.67 -3.74
C THR A 213 -30.29 -17.54 -4.48
N VAL A 214 -29.53 -16.57 -5.00
CA VAL A 214 -30.11 -15.46 -5.74
C VAL A 214 -29.86 -15.71 -7.24
N LEU A 215 -30.82 -16.40 -7.86
CA LEU A 215 -30.61 -17.01 -9.16
C LEU A 215 -31.51 -16.36 -10.20
N VAL A 216 -30.95 -16.10 -11.39
CA VAL A 216 -31.68 -15.48 -12.48
C VAL A 216 -32.46 -16.58 -13.22
N THR A 217 -33.67 -16.86 -12.75
CA THR A 217 -34.51 -17.90 -13.30
C THR A 217 -35.36 -17.35 -14.44
N GLU A 218 -36.09 -18.24 -15.12
CA GLU A 218 -37.00 -17.85 -16.17
C GLU A 218 -38.02 -16.85 -15.65
N LYS A 219 -38.54 -17.09 -14.43
CA LYS A 219 -39.51 -16.22 -13.81
C LYS A 219 -38.92 -14.81 -13.66
N VAL A 220 -37.66 -14.72 -13.23
CA VAL A 220 -37.01 -13.43 -13.07
C VAL A 220 -36.92 -12.74 -14.43
N ILE A 221 -36.49 -13.48 -15.47
CA ILE A 221 -36.34 -12.92 -16.81
C ILE A 221 -37.66 -12.33 -17.31
N ASN A 222 -38.78 -13.04 -17.07
CA ASN A 222 -40.09 -12.57 -17.52
C ASN A 222 -40.54 -11.35 -16.71
N ASP A 223 -40.15 -11.28 -15.44
CA ASP A 223 -40.48 -10.12 -14.62
C ASP A 223 -39.69 -8.91 -15.12
N ILE A 224 -38.43 -9.13 -15.53
CA ILE A 224 -37.60 -8.07 -16.09
C ILE A 224 -38.26 -7.54 -17.36
N LYS A 225 -38.62 -8.44 -18.28
CA LYS A 225 -39.20 -8.07 -19.56
C LYS A 225 -40.47 -7.25 -19.35
N ALA A 226 -41.30 -7.68 -18.38
CA ALA A 226 -42.57 -7.02 -18.11
C ALA A 226 -42.35 -5.57 -17.66
N ALA A 227 -41.25 -5.33 -16.92
CA ALA A 227 -41.02 -4.03 -16.31
C ALA A 227 -40.28 -3.07 -17.24
N THR A 228 -39.54 -3.61 -18.23
CA THR A 228 -38.61 -2.80 -19.02
C THR A 228 -39.07 -2.65 -20.47
N GLU A 229 -39.62 -3.71 -21.06
CA GLU A 229 -39.79 -3.79 -22.51
C GLU A 229 -40.86 -2.81 -22.99
N PRO A 230 -41.87 -2.41 -22.19
CA PRO A 230 -42.78 -1.33 -22.59
C PRO A 230 -42.11 0.04 -22.73
N TYR A 231 -40.89 0.20 -22.19
CA TYR A 231 -40.23 1.50 -22.16
C TYR A 231 -38.97 1.51 -23.04
N SER A 232 -38.25 0.37 -23.10
CA SER A 232 -37.02 0.29 -23.87
C SER A 232 -36.68 -1.16 -24.17
N PRO A 233 -37.21 -1.74 -25.28
CA PRO A 233 -36.86 -3.10 -25.69
C PRO A 233 -35.36 -3.34 -25.85
N LYS A 234 -34.64 -2.30 -26.27
CA LYS A 234 -33.19 -2.36 -26.42
C LYS A 234 -32.52 -2.60 -25.07
N PHE A 235 -32.97 -1.90 -24.01
CA PHE A 235 -32.40 -2.10 -22.69
C PHE A 235 -32.76 -3.49 -22.16
N THR A 236 -33.98 -3.95 -22.46
CA THR A 236 -34.43 -5.27 -22.05
C THR A 236 -33.43 -6.34 -22.49
N GLU A 237 -33.07 -6.32 -23.77
CA GLU A 237 -32.25 -7.38 -24.35
C GLU A 237 -30.81 -7.24 -23.84
N MET A 238 -30.33 -6.00 -23.69
CA MET A 238 -28.99 -5.75 -23.18
C MET A 238 -28.84 -6.37 -21.79
N ILE A 239 -29.82 -6.14 -20.93
CA ILE A 239 -29.71 -6.54 -19.54
C ILE A 239 -29.82 -8.07 -19.46
N ILE A 240 -30.66 -8.68 -20.31
CA ILE A 240 -30.80 -10.14 -20.32
C ILE A 240 -29.50 -10.79 -20.81
N LYS A 241 -28.93 -10.26 -21.88
CA LYS A 241 -27.70 -10.78 -22.46
C LYS A 241 -26.55 -10.70 -21.46
N LEU A 242 -26.53 -9.64 -20.64
CA LEU A 242 -25.48 -9.45 -19.64
C LEU A 242 -25.68 -10.43 -18.49
N LEU A 243 -26.93 -10.67 -18.10
CA LEU A 243 -27.24 -11.53 -16.96
C LEU A 243 -26.92 -12.99 -17.29
N PHE A 244 -26.98 -13.34 -18.58
CA PHE A 244 -26.86 -14.72 -19.03
C PHE A 244 -25.56 -14.93 -19.82
N PHE A 245 -24.62 -13.99 -19.72
CA PHE A 245 -23.39 -14.11 -20.49
C PHE A 245 -22.58 -15.32 -20.04
N PHE A 246 -22.67 -15.69 -18.75
CA PHE A 246 -21.87 -16.79 -18.21
C PHE A 246 -22.75 -17.97 -17.80
N LYS A 247 -23.97 -18.05 -18.36
CA LYS A 247 -24.94 -19.03 -17.92
C LYS A 247 -24.45 -20.46 -18.21
N ASP A 248 -23.86 -20.67 -19.40
CA ASP A 248 -23.38 -21.98 -19.79
C ASP A 248 -22.23 -22.43 -18.88
N THR A 249 -21.29 -21.52 -18.59
CA THR A 249 -20.16 -21.81 -17.74
C THR A 249 -20.63 -22.15 -16.31
N TYR A 250 -21.59 -21.38 -15.80
CA TYR A 250 -22.17 -21.67 -14.50
C TYR A 250 -22.84 -23.05 -14.52
N ARG A 251 -23.52 -23.41 -15.61
CA ARG A 251 -24.16 -24.71 -15.69
C ARG A 251 -23.11 -25.82 -15.77
N ASP A 252 -22.23 -25.73 -16.78
CA ASP A 252 -21.35 -26.82 -17.16
C ASP A 252 -20.21 -26.99 -16.15
N VAL A 253 -19.70 -25.87 -15.61
CA VAL A 253 -18.57 -25.89 -14.69
C VAL A 253 -19.07 -26.06 -13.25
N PHE A 254 -20.16 -25.37 -12.89
CA PHE A 254 -20.52 -25.19 -11.50
C PHE A 254 -21.87 -25.83 -11.15
N GLY A 255 -22.52 -26.49 -12.12
CA GLY A 255 -23.74 -27.23 -11.85
C GLY A 255 -24.99 -26.35 -11.66
N PHE A 256 -24.94 -25.08 -12.10
CA PHE A 256 -26.05 -24.15 -11.93
C PHE A 256 -27.04 -24.26 -13.09
N ILE A 257 -28.28 -24.66 -12.78
CA ILE A 257 -29.38 -24.63 -13.74
C ILE A 257 -29.59 -23.18 -14.17
N ASP A 258 -29.73 -22.30 -13.18
CA ASP A 258 -29.86 -20.86 -13.40
C ASP A 258 -28.70 -20.15 -12.72
N PRO A 259 -28.12 -19.09 -13.33
CA PRO A 259 -26.92 -18.45 -12.78
C PRO A 259 -27.19 -17.51 -11.61
N PRO A 260 -26.21 -17.34 -10.69
CA PRO A 260 -26.35 -16.42 -9.57
C PRO A 260 -26.08 -14.97 -9.96
N LEU A 261 -26.61 -14.04 -9.16
CA LEU A 261 -26.28 -12.63 -9.26
C LEU A 261 -25.78 -12.20 -7.88
N HIS A 262 -24.52 -11.75 -7.82
CA HIS A 262 -23.80 -11.63 -6.55
C HIS A 262 -23.91 -10.20 -6.01
N ASP A 263 -23.17 -9.29 -6.66
CA ASP A 263 -22.80 -7.99 -6.09
C ASP A 263 -23.99 -7.14 -5.68
N PRO A 264 -25.09 -7.03 -6.44
CA PRO A 264 -26.21 -6.18 -6.02
C PRO A 264 -26.79 -6.56 -4.66
N VAL A 265 -26.58 -7.81 -4.22
CA VAL A 265 -27.10 -8.25 -2.94
C VAL A 265 -26.44 -7.44 -1.81
N ALA A 266 -25.18 -7.06 -1.98
CA ALA A 266 -24.48 -6.25 -0.98
C ALA A 266 -25.10 -4.85 -0.87
N ALA A 267 -25.44 -4.23 -2.01
CA ALA A 267 -26.11 -2.93 -1.99
C ALA A 267 -27.50 -3.06 -1.35
N PHE A 268 -28.19 -4.16 -1.64
CA PHE A 268 -29.50 -4.39 -1.08
C PHE A 268 -29.42 -4.46 0.45
N HIS A 269 -28.30 -4.96 0.99
CA HIS A 269 -28.11 -5.02 2.43
C HIS A 269 -28.11 -3.60 3.03
N LEU A 270 -27.49 -2.64 2.34
CA LEU A 270 -27.46 -1.27 2.83
C LEU A 270 -28.84 -0.62 2.69
N ILE A 271 -29.60 -1.03 1.68
CA ILE A 271 -30.93 -0.48 1.44
C ILE A 271 -31.93 -1.03 2.46
N ALA A 272 -31.87 -2.34 2.72
CA ALA A 272 -32.91 -3.03 3.48
C ALA A 272 -32.32 -4.20 4.26
N PRO A 273 -31.57 -3.96 5.36
CA PRO A 273 -30.91 -5.03 6.10
C PRO A 273 -31.84 -5.98 6.83
N GLU A 274 -33.12 -5.60 6.97
CA GLU A 274 -34.08 -6.39 7.71
C GLU A 274 -34.36 -7.73 7.02
N TRP A 275 -34.01 -7.84 5.73
CA TRP A 275 -34.23 -9.08 4.99
C TRP A 275 -33.13 -10.11 5.23
N PHE A 276 -32.08 -9.74 5.98
CA PHE A 276 -30.90 -10.59 6.16
C PHE A 276 -30.82 -11.08 7.61
N GLU A 277 -30.36 -12.32 7.79
CA GLU A 277 -29.92 -12.77 9.11
C GLU A 277 -28.51 -12.26 9.35
N HIS A 278 -28.16 -12.04 10.62
CA HIS A 278 -26.83 -11.58 10.99
C HIS A 278 -26.32 -12.42 12.17
N VAL A 279 -25.00 -12.68 12.16
CA VAL A 279 -24.32 -13.26 13.29
C VAL A 279 -22.94 -12.61 13.41
N ARG A 280 -22.51 -12.33 14.64
CA ARG A 280 -21.20 -11.77 14.92
C ARG A 280 -20.22 -12.91 15.21
N CYS A 281 -18.99 -12.78 14.71
CA CYS A 281 -17.99 -13.81 14.96
C CYS A 281 -16.60 -13.24 14.68
N HIS A 282 -15.58 -14.06 14.96
CA HIS A 282 -14.23 -13.74 14.56
C HIS A 282 -13.95 -14.48 13.25
N VAL A 283 -13.62 -13.70 12.21
CA VAL A 283 -13.21 -14.26 10.93
C VAL A 283 -11.70 -14.14 10.82
N ASP A 284 -11.04 -15.29 10.58
CA ASP A 284 -9.64 -15.32 10.20
C ASP A 284 -9.57 -15.58 8.69
N ILE A 285 -8.84 -14.73 7.98
CA ILE A 285 -8.60 -14.91 6.56
C ILE A 285 -7.30 -15.68 6.41
N GLU A 286 -7.35 -16.82 5.70
CA GLU A 286 -6.15 -17.59 5.47
C GLU A 286 -5.22 -16.85 4.51
N THR A 287 -3.96 -16.62 4.92
CA THR A 287 -2.97 -16.00 4.06
C THR A 287 -1.78 -16.92 3.81
N LYS A 288 -1.51 -17.86 4.73
CA LYS A 288 -0.35 -18.74 4.65
C LYS A 288 -0.63 -19.98 3.80
N GLY A 289 -1.91 -20.39 3.71
CA GLY A 289 -2.26 -21.60 3.00
C GLY A 289 -1.80 -21.58 1.54
N GLU A 290 -1.25 -22.70 1.08
CA GLU A 290 -0.79 -22.82 -0.30
C GLU A 290 -1.97 -23.00 -1.25
N TYR A 291 -3.00 -23.71 -0.81
CA TYR A 291 -4.14 -24.05 -1.66
C TYR A 291 -5.44 -23.45 -1.12
N THR A 292 -5.35 -22.74 0.01
CA THR A 292 -6.54 -22.34 0.75
C THR A 292 -6.51 -20.86 1.12
N TYR A 293 -5.60 -20.09 0.53
CA TYR A 293 -5.54 -18.66 0.77
C TYR A 293 -6.88 -18.03 0.38
N GLY A 294 -7.35 -17.12 1.24
CA GLY A 294 -8.63 -16.45 1.03
C GLY A 294 -9.81 -17.17 1.69
N CYS A 295 -9.56 -18.32 2.33
CA CYS A 295 -10.62 -18.95 3.11
C CYS A 295 -11.01 -18.05 4.27
N CYS A 296 -12.33 -17.90 4.46
CA CYS A 296 -12.91 -17.19 5.57
C CYS A 296 -13.23 -18.18 6.70
N CYS A 297 -12.36 -18.22 7.72
CA CYS A 297 -12.48 -19.22 8.77
C CYS A 297 -13.02 -18.56 10.05
N THR A 298 -14.12 -19.11 10.60
CA THR A 298 -14.82 -18.46 11.69
C THR A 298 -14.83 -19.34 12.93
N ASN A 299 -15.13 -18.69 14.08
CA ASN A 299 -15.28 -19.39 15.34
C ASN A 299 -16.76 -19.67 15.62
N LEU A 300 -17.60 -19.76 14.57
CA LEU A 300 -19.04 -19.96 14.75
C LEU A 300 -19.35 -21.29 15.44
N ILE A 301 -18.61 -22.35 15.08
CA ILE A 301 -18.85 -23.65 15.69
C ILE A 301 -18.45 -23.63 17.17
N LEU A 302 -17.33 -22.96 17.50
CA LEU A 302 -16.85 -22.89 18.88
C LEU A 302 -17.80 -22.06 19.74
N LYS A 303 -18.53 -21.11 19.13
CA LYS A 303 -19.51 -20.31 19.84
C LYS A 303 -20.73 -21.16 20.20
N LYS A 304 -21.12 -22.09 19.31
CA LYS A 304 -22.27 -22.96 19.53
C LYS A 304 -21.90 -24.11 20.47
N LYS A 305 -20.60 -24.32 20.71
CA LYS A 305 -20.12 -25.29 21.70
C LYS A 305 -20.01 -24.61 23.07
N ASP A 306 -19.20 -23.55 23.16
CA ASP A 306 -19.16 -22.71 24.36
C ASP A 306 -20.52 -22.01 24.52
N VAL A 311 -12.90 -16.52 22.89
CA VAL A 311 -11.48 -16.17 23.22
C VAL A 311 -11.06 -14.99 22.33
N LYS A 312 -11.10 -15.19 21.00
CA LYS A 312 -10.76 -14.14 20.05
C LYS A 312 -11.96 -13.21 19.88
N PRO A 313 -11.77 -11.87 19.91
CA PRO A 313 -12.88 -10.93 19.81
C PRO A 313 -13.55 -10.96 18.44
N ASP A 314 -14.86 -10.69 18.41
CA ASP A 314 -15.60 -10.60 17.16
C ASP A 314 -14.99 -9.48 16.33
N ASN A 315 -14.87 -9.69 15.01
CA ASN A 315 -14.32 -8.66 14.15
C ASN A 315 -15.19 -8.47 12.91
N ALA A 316 -16.36 -9.13 12.85
CA ALA A 316 -17.18 -9.05 11.65
C ALA A 316 -18.60 -9.51 11.94
N THR A 317 -19.52 -9.02 11.10
CA THR A 317 -20.86 -9.57 10.99
C THR A 317 -20.95 -10.40 9.70
N VAL A 318 -21.61 -11.55 9.77
CA VAL A 318 -21.77 -12.43 8.62
C VAL A 318 -23.26 -12.68 8.42
N CYS A 319 -23.73 -12.50 7.17
CA CYS A 319 -25.10 -12.79 6.77
C CYS A 319 -25.13 -14.14 6.04
N LEU A 320 -25.73 -15.15 6.68
CA LEU A 320 -25.67 -16.52 6.21
C LEU A 320 -26.88 -16.87 5.35
N LYS A 321 -27.96 -16.08 5.46
CA LYS A 321 -29.14 -16.33 4.64
C LYS A 321 -30.04 -15.09 4.61
N LEU A 322 -30.88 -15.03 3.57
CA LEU A 322 -31.99 -14.08 3.52
C LEU A 322 -33.17 -14.70 4.25
N LYS A 323 -33.94 -13.86 4.94
CA LYS A 323 -35.13 -14.29 5.63
C LYS A 323 -36.23 -14.55 4.59
N GLU A 324 -37.31 -15.19 5.04
CA GLU A 324 -38.49 -15.43 4.22
C GLU A 324 -38.96 -14.10 3.66
N GLY A 325 -39.20 -14.07 2.34
CA GLY A 325 -39.65 -12.87 1.65
C GLY A 325 -38.48 -12.07 1.09
N GLY A 326 -37.26 -12.38 1.54
CA GLY A 326 -36.07 -11.61 1.20
C GLY A 326 -35.73 -11.69 -0.29
N HIS A 327 -35.81 -12.89 -0.85
CA HIS A 327 -35.53 -13.08 -2.27
C HIS A 327 -36.52 -12.27 -3.11
N ASP A 328 -37.80 -12.32 -2.76
CA ASP A 328 -38.83 -11.59 -3.49
C ASP A 328 -38.60 -10.09 -3.34
N ALA A 329 -38.20 -9.64 -2.14
CA ALA A 329 -37.96 -8.22 -1.90
C ALA A 329 -36.78 -7.75 -2.73
N PHE A 330 -35.74 -8.59 -2.82
CA PHE A 330 -34.56 -8.26 -3.61
C PHE A 330 -34.93 -8.09 -5.08
N TRP A 331 -35.65 -9.07 -5.64
CA TRP A 331 -35.99 -9.03 -7.06
C TRP A 331 -36.92 -7.87 -7.36
N ASN A 332 -37.83 -7.54 -6.45
CA ASN A 332 -38.73 -6.41 -6.64
C ASN A 332 -37.94 -5.11 -6.70
N GLN A 333 -36.92 -4.97 -5.85
CA GLN A 333 -36.06 -3.80 -5.83
C GLN A 333 -35.29 -3.68 -7.14
N MET A 334 -34.67 -4.78 -7.60
CA MET A 334 -33.87 -4.78 -8.81
C MET A 334 -34.74 -4.46 -10.03
N ILE A 335 -35.90 -5.10 -10.11
CA ILE A 335 -36.79 -4.92 -11.25
C ILE A 335 -37.32 -3.49 -11.28
N THR A 336 -37.62 -2.92 -10.12
CA THR A 336 -38.04 -1.52 -10.03
C THR A 336 -36.97 -0.63 -10.65
N VAL A 337 -35.70 -0.81 -10.24
CA VAL A 337 -34.62 0.03 -10.74
C VAL A 337 -34.45 -0.17 -12.24
N TRP A 338 -34.47 -1.42 -12.71
CA TRP A 338 -34.34 -1.68 -14.13
C TRP A 338 -35.47 -1.03 -14.92
N GLY A 339 -36.68 -1.03 -14.33
CA GLY A 339 -37.83 -0.34 -14.91
C GLY A 339 -37.60 1.16 -15.04
N GLU A 340 -37.01 1.78 -14.01
CA GLU A 340 -36.75 3.21 -14.02
C GLU A 340 -35.66 3.54 -15.04
N ILE A 341 -34.64 2.69 -15.13
CA ILE A 341 -33.58 2.89 -16.10
C ILE A 341 -34.17 2.82 -17.51
N ALA A 342 -35.03 1.82 -17.74
CA ALA A 342 -35.68 1.61 -19.03
C ALA A 342 -36.44 2.88 -19.43
N LYS A 343 -37.12 3.51 -18.47
CA LYS A 343 -37.89 4.72 -18.73
C LYS A 343 -36.97 5.86 -19.13
N GLU A 344 -35.80 5.98 -18.50
CA GLU A 344 -34.89 7.08 -18.80
C GLU A 344 -34.21 6.88 -20.14
N ILE A 345 -33.93 5.62 -20.52
CA ILE A 345 -33.29 5.33 -21.79
C ILE A 345 -34.29 5.55 -22.93
N GLY A 346 -35.49 4.98 -22.81
CA GLY A 346 -36.54 5.16 -23.81
C GLY A 346 -36.30 4.26 -25.03
N LYS A 347 -37.10 4.48 -26.09
CA LYS A 347 -37.00 3.65 -27.29
C LYS A 347 -35.97 4.26 -28.27
N MET B 1 29.60 16.84 -11.82
CA MET B 1 28.16 16.60 -12.08
C MET B 1 27.51 15.99 -10.83
N SER B 2 26.54 16.71 -10.27
CA SER B 2 25.84 16.28 -9.07
C SER B 2 24.77 15.25 -9.45
N ILE B 3 24.44 14.35 -8.51
CA ILE B 3 23.42 13.34 -8.73
C ILE B 3 22.20 13.71 -7.89
N LYS B 4 21.06 13.94 -8.56
CA LYS B 4 19.80 14.19 -7.88
C LYS B 4 19.37 12.89 -7.18
N CYS B 5 18.85 13.02 -5.96
CA CYS B 5 18.42 11.85 -5.21
C CYS B 5 17.40 12.25 -4.15
N ALA B 6 16.72 11.22 -3.63
CA ALA B 6 15.84 11.33 -2.49
C ALA B 6 16.34 10.38 -1.40
N LEU B 7 16.15 10.79 -0.14
CA LEU B 7 16.50 9.96 1.01
C LEU B 7 15.22 9.44 1.65
N ASP B 8 15.14 8.13 1.88
CA ASP B 8 14.06 7.53 2.63
C ASP B 8 14.68 6.88 3.86
N CYS B 9 14.25 7.26 5.06
N CYS B 9 14.28 7.29 5.06
CA CYS B 9 14.96 6.86 6.26
CA CYS B 9 14.99 6.91 6.27
C CYS B 9 14.10 6.97 7.51
C CYS B 9 14.11 6.99 7.51
N ASP B 10 14.65 6.51 8.64
CA ASP B 10 13.95 6.47 9.93
C ASP B 10 14.85 6.95 11.06
N PRO B 11 15.32 8.23 11.06
CA PRO B 11 16.29 8.67 12.06
C PRO B 11 15.78 8.62 13.50
N GLY B 12 16.53 8.00 14.43
CA GLY B 12 17.66 7.12 14.13
C GLY B 12 18.99 7.87 14.02
N HIS B 13 19.96 7.44 14.83
CA HIS B 13 21.27 8.07 14.92
C HIS B 13 22.07 7.87 13.63
N ASP B 14 22.02 6.63 13.12
CA ASP B 14 22.69 6.27 11.87
C ASP B 14 22.14 7.12 10.72
N ASP B 15 20.81 7.25 10.67
CA ASP B 15 20.16 7.95 9.57
C ASP B 15 20.55 9.43 9.62
N LEU B 16 20.68 9.97 10.84
CA LEU B 16 21.09 11.36 11.03
C LEU B 16 22.45 11.60 10.36
N ALA B 17 23.39 10.66 10.53
CA ALA B 17 24.71 10.77 9.94
C ALA B 17 24.62 10.69 8.42
N MET B 18 23.72 9.83 7.91
CA MET B 18 23.53 9.66 6.48
C MET B 18 22.98 10.94 5.85
N ILE B 19 22.02 11.59 6.52
CA ILE B 19 21.43 12.83 6.03
C ILE B 19 22.53 13.89 5.93
N MET B 20 23.33 13.99 6.98
CA MET B 20 24.44 14.94 7.03
C MET B 20 25.36 14.76 5.83
N LEU B 21 25.75 13.50 5.58
CA LEU B 21 26.65 13.18 4.48
C LEU B 21 26.01 13.55 3.14
N ALA B 22 24.75 13.14 2.94
CA ALA B 22 24.10 13.32 1.65
C ALA B 22 23.89 14.80 1.37
N VAL B 23 23.44 15.55 2.37
CA VAL B 23 23.08 16.94 2.19
C VAL B 23 24.35 17.77 1.98
N TYR B 24 25.39 17.55 2.79
CA TYR B 24 26.56 18.39 2.70
C TYR B 24 27.53 17.93 1.60
N SER B 25 27.42 16.68 1.13
CA SER B 25 28.21 16.27 -0.02
C SER B 25 27.79 17.09 -1.23
N PRO B 26 28.73 17.71 -1.97
CA PRO B 26 28.38 18.42 -3.20
C PRO B 26 28.01 17.48 -4.35
N LYS B 27 28.34 16.19 -4.23
CA LYS B 27 28.06 15.26 -5.30
C LYS B 27 26.62 14.78 -5.28
N LEU B 28 25.94 14.85 -4.11
CA LEU B 28 24.54 14.46 -4.01
C LEU B 28 23.67 15.71 -3.87
N ASP B 29 22.64 15.79 -4.73
CA ASP B 29 21.70 16.90 -4.74
C ASP B 29 20.37 16.38 -4.21
N VAL B 30 20.17 16.50 -2.89
CA VAL B 30 19.03 15.93 -2.21
C VAL B 30 17.77 16.74 -2.56
N GLN B 31 16.76 16.07 -3.12
CA GLN B 31 15.53 16.71 -3.56
C GLN B 31 14.51 16.75 -2.43
N TYR B 32 14.43 15.66 -1.64
CA TYR B 32 13.54 15.58 -0.51
C TYR B 32 13.99 14.45 0.40
N ILE B 33 13.49 14.47 1.64
CA ILE B 33 13.61 13.38 2.59
C ILE B 33 12.22 12.88 2.94
N SER B 34 12.00 11.56 2.82
CA SER B 34 10.79 10.94 3.32
C SER B 34 11.15 10.04 4.50
N THR B 35 10.29 10.04 5.53
CA THR B 35 10.57 9.22 6.69
C THR B 35 9.56 8.09 6.78
N THR B 36 9.98 7.03 7.47
CA THR B 36 9.21 5.81 7.61
C THR B 36 9.16 5.42 9.08
N HIS B 37 8.25 4.48 9.39
CA HIS B 37 8.17 3.86 10.70
C HIS B 37 9.42 3.02 10.93
N GLY B 38 9.77 2.85 12.21
CA GLY B 38 10.88 1.99 12.59
C GLY B 38 10.74 1.58 14.05
N ASN B 39 11.84 1.75 14.78
CA ASN B 39 11.87 1.59 16.23
C ASN B 39 10.90 2.58 16.88
N GLN B 40 10.81 3.78 16.31
CA GLN B 40 9.84 4.78 16.75
C GLN B 40 8.84 5.03 15.63
N THR B 41 7.74 5.72 15.98
CA THR B 41 6.68 6.04 15.05
C THR B 41 7.20 6.96 13.94
N VAL B 42 6.49 6.96 12.82
CA VAL B 42 6.87 7.77 11.68
C VAL B 42 6.75 9.26 12.02
N ASN B 43 5.87 9.61 12.96
CA ASN B 43 5.79 11.01 13.39
C ASN B 43 7.08 11.43 14.09
N LYS B 44 7.67 10.53 14.88
CA LYS B 44 8.92 10.81 15.56
C LYS B 44 10.10 10.83 14.57
N THR B 45 10.12 9.90 13.59
CA THR B 45 11.20 9.90 12.60
C THR B 45 11.13 11.17 11.74
N TYR B 46 9.92 11.62 11.43
CA TYR B 46 9.71 12.89 10.73
C TYR B 46 10.38 14.04 11.50
N GLN B 47 10.05 14.17 12.80
CA GLN B 47 10.60 15.24 13.61
C GLN B 47 12.12 15.12 13.67
N ASN B 48 12.64 13.89 13.76
CA ASN B 48 14.07 13.67 13.88
C ASN B 48 14.80 14.07 12.59
N ALA B 49 14.19 13.83 11.42
CA ALA B 49 14.76 14.28 10.16
C ALA B 49 14.84 15.81 10.15
N ARG B 50 13.78 16.47 10.63
CA ARG B 50 13.76 17.92 10.63
C ARG B 50 14.75 18.49 11.65
N ARG B 51 14.91 17.81 12.79
CA ARG B 51 15.92 18.16 13.77
C ARG B 51 17.32 18.13 13.13
N THR B 52 17.61 17.05 12.40
CA THR B 52 18.88 16.90 11.71
C THR B 52 19.11 18.07 10.76
N LEU B 53 18.12 18.37 9.93
CA LEU B 53 18.25 19.43 8.93
C LEU B 53 18.48 20.79 9.61
N ASN B 54 17.78 21.04 10.72
CA ASN B 54 17.87 22.33 11.37
C ASN B 54 19.23 22.48 12.06
N LEU B 55 19.74 21.38 12.63
CA LEU B 55 21.06 21.40 13.25
C LEU B 55 22.11 21.82 12.22
N ILE B 56 21.97 21.37 10.97
CA ILE B 56 22.96 21.61 9.93
C ILE B 56 22.55 22.77 9.02
N LYS B 57 21.54 23.55 9.43
CA LYS B 57 21.15 24.78 8.77
C LYS B 57 20.60 24.51 7.37
N ARG B 58 19.69 23.54 7.24
CA ARG B 58 19.14 23.17 5.95
C ARG B 58 17.64 22.88 6.02
N ALA B 59 17.00 23.12 7.17
CA ALA B 59 15.59 22.79 7.37
C ALA B 59 14.69 23.72 6.54
N ASP B 60 15.22 24.87 6.12
CA ASP B 60 14.48 25.80 5.29
C ASP B 60 14.70 25.51 3.81
N LYS B 61 15.53 24.51 3.48
CA LYS B 61 15.96 24.27 2.12
C LYS B 61 15.44 22.93 1.58
N ILE B 62 15.23 21.94 2.44
CA ILE B 62 14.92 20.60 1.98
C ILE B 62 13.55 20.18 2.49
N PRO B 63 12.58 19.86 1.59
CA PRO B 63 11.27 19.37 2.01
C PRO B 63 11.37 17.98 2.63
N VAL B 64 10.66 17.79 3.75
CA VAL B 64 10.60 16.51 4.44
C VAL B 64 9.15 16.02 4.44
N TYR B 65 8.97 14.77 4.03
CA TYR B 65 7.67 14.12 3.97
C TYR B 65 7.57 13.08 5.08
N ARG B 66 6.38 12.97 5.66
CA ARG B 66 6.08 11.97 6.68
C ARG B 66 5.33 10.83 6.02
N GLY B 67 5.96 9.65 5.99
CA GLY B 67 5.47 8.51 5.25
C GLY B 67 4.57 7.59 6.06
N TYR B 68 4.62 6.30 5.74
CA TYR B 68 3.66 5.33 6.23
C TYR B 68 4.01 4.92 7.66
N SER B 69 2.96 4.61 8.44
CA SER B 69 3.08 4.41 9.88
C SER B 69 3.32 2.94 10.23
N LYS B 70 3.10 2.02 9.27
CA LYS B 70 3.23 0.60 9.55
C LYS B 70 3.59 -0.18 8.28
N PRO B 71 4.08 -1.44 8.42
CA PRO B 71 4.34 -2.29 7.26
C PRO B 71 3.10 -2.58 6.42
N LEU B 72 3.32 -3.15 5.23
CA LEU B 72 2.24 -3.46 4.31
C LEU B 72 1.23 -4.41 4.95
N THR B 73 1.71 -5.52 5.55
CA THR B 73 0.83 -6.58 5.99
C THR B 73 1.18 -7.11 7.39
N ARG B 74 2.14 -6.47 8.07
CA ARG B 74 2.54 -6.85 9.42
C ARG B 74 2.34 -5.65 10.33
N GLU B 75 2.43 -5.91 11.64
CA GLU B 75 2.28 -4.85 12.63
C GLU B 75 3.60 -4.08 12.78
N SER B 76 3.46 -2.80 13.13
CA SER B 76 4.58 -1.97 13.52
C SER B 76 5.29 -2.58 14.73
N VAL B 77 6.61 -2.35 14.83
CA VAL B 77 7.35 -2.71 16.04
C VAL B 77 7.72 -1.45 16.81
N ALA B 78 7.09 -0.32 16.46
CA ALA B 78 7.41 0.96 17.08
C ALA B 78 6.97 0.95 18.54
N CYS B 79 7.82 1.48 19.42
CA CYS B 79 7.45 1.65 20.81
C CYS B 79 6.19 2.52 20.90
N PRO B 80 5.31 2.30 21.91
CA PRO B 80 4.22 3.24 22.17
C PRO B 80 4.82 4.59 22.58
N GLU B 81 4.13 5.68 22.24
CA GLU B 81 4.66 7.02 22.48
C GLU B 81 4.76 7.27 23.99
N ILE B 82 4.07 6.44 24.79
CA ILE B 82 4.07 6.56 26.24
C ILE B 82 5.34 5.96 26.84
N HIS B 83 6.21 5.33 26.03
CA HIS B 83 7.56 5.01 26.46
C HIS B 83 8.41 6.28 26.60
N GLY B 84 8.05 7.34 25.85
CA GLY B 84 8.77 8.60 25.89
C GLY B 84 10.16 8.48 25.29
N GLU B 85 10.28 7.78 24.16
CA GLU B 85 11.55 7.64 23.46
C GLU B 85 11.52 8.50 22.19
N SER B 86 12.47 9.44 22.10
CA SER B 86 12.55 10.37 20.98
C SER B 86 12.93 9.64 19.68
N GLY B 87 13.89 8.72 19.79
CA GLY B 87 14.48 8.09 18.61
C GLY B 87 15.82 8.73 18.24
N LEU B 88 16.18 9.82 18.93
CA LEU B 88 17.47 10.48 18.79
C LEU B 88 18.00 10.85 20.18
N GLY B 89 18.05 9.85 21.07
CA GLY B 89 18.50 10.05 22.43
C GLY B 89 19.96 10.51 22.47
N GLY B 90 20.33 11.15 23.58
CA GLY B 90 21.72 11.52 23.83
C GLY B 90 21.93 13.03 23.89
N VAL B 91 21.04 13.80 23.25
CA VAL B 91 21.18 15.26 23.24
C VAL B 91 19.84 15.90 23.53
N ASP B 92 19.90 17.18 23.88
CA ASP B 92 18.71 17.99 24.15
C ASP B 92 18.34 18.76 22.90
N TRP B 93 17.15 18.49 22.35
CA TRP B 93 16.72 19.06 21.08
C TRP B 93 15.87 20.32 21.27
N SER B 94 15.71 20.81 22.50
CA SER B 94 14.68 21.81 22.78
C SER B 94 14.95 23.10 22.00
N GLU B 95 16.22 23.48 21.84
CA GLU B 95 16.56 24.68 21.08
C GLU B 95 16.35 24.47 19.59
N ILE B 96 16.76 23.31 19.09
CA ILE B 96 16.61 22.96 17.68
C ILE B 96 15.12 22.91 17.33
N ASP B 97 14.30 22.41 18.27
CA ASP B 97 12.87 22.29 18.07
C ASP B 97 12.23 23.67 17.97
N ARG B 98 12.57 24.59 18.89
CA ARG B 98 11.86 25.86 18.97
C ARG B 98 12.33 26.81 17.86
N THR B 99 13.54 26.63 17.32
CA THR B 99 14.02 27.45 16.21
C THR B 99 13.66 26.83 14.86
N MET B 100 12.87 25.75 14.85
CA MET B 100 12.60 25.02 13.62
C MET B 100 11.87 25.91 12.61
N PRO B 101 12.40 26.13 11.40
CA PRO B 101 11.66 26.85 10.36
C PRO B 101 10.57 26.00 9.71
N ARG B 102 9.71 26.66 8.93
CA ARG B 102 8.61 26.02 8.22
C ARG B 102 9.16 24.96 7.26
N ASN B 103 8.49 23.80 7.22
CA ASN B 103 8.83 22.72 6.30
C ASN B 103 8.47 23.14 4.88
N PRO B 104 9.45 23.25 3.95
CA PRO B 104 9.14 23.58 2.55
C PRO B 104 8.17 22.64 1.84
N ALA B 105 7.99 21.42 2.38
CA ALA B 105 7.03 20.50 1.81
C ALA B 105 5.61 21.07 1.88
N LEU B 106 5.32 21.85 2.93
CA LEU B 106 3.97 22.36 3.15
C LEU B 106 3.53 23.26 1.99
N ASP B 107 4.44 24.10 1.48
CA ASP B 107 4.15 24.97 0.36
C ASP B 107 4.04 24.18 -0.94
N ILE B 108 4.83 23.13 -1.11
CA ILE B 108 4.73 22.27 -2.28
C ILE B 108 3.34 21.66 -2.34
N LEU B 109 2.81 21.27 -1.17
CA LEU B 109 1.57 20.51 -1.07
C LEU B 109 0.35 21.43 -0.95
N GLY B 110 0.58 22.72 -0.64
CA GLY B 110 -0.51 23.66 -0.41
C GLY B 110 -1.18 23.47 0.96
N TYR B 111 -0.41 22.96 1.93
CA TYR B 111 -0.90 22.73 3.28
C TYR B 111 -0.54 23.93 4.16
N LYS B 112 -1.33 24.15 5.21
CA LYS B 112 -1.09 25.25 6.13
C LYS B 112 -0.23 24.78 7.30
N ASP B 113 -0.34 23.51 7.71
CA ASP B 113 0.46 23.01 8.82
C ASP B 113 0.72 21.51 8.68
N GLU B 114 1.61 21.00 9.55
CA GLU B 114 2.17 19.66 9.47
C GLU B 114 1.11 18.59 9.77
N SER B 115 0.03 18.96 10.47
CA SER B 115 -1.01 18.00 10.81
C SER B 115 -1.74 17.51 9.56
N GLU B 116 -1.57 18.21 8.43
CA GLU B 116 -2.20 17.81 7.18
C GLU B 116 -1.33 16.82 6.39
N LEU B 117 -0.10 16.57 6.83
CA LEU B 117 0.78 15.65 6.11
C LEU B 117 0.16 14.26 6.07
N ARG B 118 0.21 13.63 4.88
CA ARG B 118 -0.31 12.29 4.67
C ARG B 118 0.80 11.42 4.09
N PRO B 119 0.78 10.08 4.34
CA PRO B 119 1.86 9.20 3.91
C PRO B 119 2.20 9.23 2.42
N ASP B 120 1.21 9.48 1.57
CA ASP B 120 1.40 9.41 0.12
C ASP B 120 1.75 10.79 -0.46
N ASP B 121 2.00 11.79 0.39
CA ASP B 121 2.32 13.14 -0.07
C ASP B 121 3.51 13.13 -1.03
N PHE B 122 4.55 12.33 -0.74
CA PHE B 122 5.78 12.39 -1.51
C PHE B 122 5.58 11.87 -2.94
N PHE B 123 4.50 11.12 -3.20
CA PHE B 123 4.36 10.39 -4.45
C PHE B 123 4.52 11.31 -5.67
N LYS B 124 3.81 12.44 -5.69
CA LYS B 124 3.78 13.29 -6.87
C LYS B 124 5.16 13.89 -7.13
N HIS B 125 5.87 14.24 -6.06
CA HIS B 125 7.20 14.81 -6.16
C HIS B 125 8.15 13.78 -6.76
N LEU B 126 8.14 12.56 -6.22
CA LEU B 126 8.99 11.50 -6.74
C LEU B 126 8.67 11.24 -8.22
N HIS B 127 7.38 11.20 -8.58
CA HIS B 127 7.01 10.93 -9.96
C HIS B 127 7.53 12.01 -10.91
N ARG B 128 7.47 13.28 -10.49
CA ARG B 128 8.04 14.37 -11.29
C ARG B 128 9.53 14.12 -11.53
N LEU B 129 10.25 13.68 -10.49
CA LEU B 129 11.68 13.48 -10.58
C LEU B 129 12.01 12.27 -11.46
N VAL B 130 11.24 11.19 -11.31
CA VAL B 130 11.44 9.98 -12.08
C VAL B 130 11.18 10.27 -13.56
N SER B 131 10.11 11.02 -13.84
CA SER B 131 9.74 11.38 -15.20
C SER B 131 10.82 12.23 -15.85
N ALA B 132 11.46 13.12 -15.07
CA ALA B 132 12.44 14.05 -15.61
C ALA B 132 13.81 13.39 -15.77
N ALA B 133 14.05 12.26 -15.08
CA ALA B 133 15.37 11.64 -15.08
C ALA B 133 15.72 11.14 -16.47
N GLU B 134 16.97 11.36 -16.88
CA GLU B 134 17.42 10.95 -18.19
C GLU B 134 17.50 9.43 -18.28
N ASP B 135 17.95 8.79 -17.19
CA ASP B 135 18.13 7.35 -17.17
C ASP B 135 17.27 6.76 -16.06
N LYS B 136 17.77 6.82 -14.82
CA LYS B 136 17.02 6.37 -13.67
C LYS B 136 17.20 7.39 -12.56
N PHE B 137 16.21 7.48 -11.66
CA PHE B 137 16.32 8.38 -10.52
C PHE B 137 16.79 7.59 -9.29
N ASP B 138 17.67 8.21 -8.50
CA ASP B 138 18.37 7.55 -7.41
C ASP B 138 17.67 7.80 -6.08
N ILE B 139 17.32 6.71 -5.40
CA ILE B 139 16.77 6.75 -4.06
C ILE B 139 17.73 6.03 -3.11
N ILE B 140 18.09 6.71 -2.01
CA ILE B 140 18.83 6.10 -0.91
C ILE B 140 17.85 5.75 0.20
N SER B 141 17.84 4.47 0.61
CA SER B 141 16.90 3.96 1.59
C SER B 141 17.66 3.33 2.75
N THR B 142 17.38 3.77 3.99
CA THR B 142 18.13 3.31 5.15
C THR B 142 17.23 2.98 6.34
N GLY B 143 15.93 2.74 6.09
CA GLY B 143 15.03 2.17 7.08
C GLY B 143 14.19 1.08 6.43
N SER B 144 13.00 0.82 6.96
CA SER B 144 12.04 -0.03 6.27
C SER B 144 11.75 0.57 4.91
N GLU B 145 11.40 -0.28 3.94
CA GLU B 145 11.24 0.16 2.56
C GLU B 145 9.76 0.19 2.20
N THR B 146 8.91 0.29 3.22
CA THR B 146 7.47 0.39 3.07
C THR B 146 7.08 1.53 2.13
N ASN B 147 7.73 2.70 2.28
CA ASN B 147 7.35 3.88 1.52
C ASN B 147 7.53 3.62 0.02
N ILE B 148 8.67 3.01 -0.35
CA ILE B 148 8.97 2.76 -1.75
C ILE B 148 8.04 1.67 -2.28
N ALA B 149 7.77 0.63 -1.49
CA ALA B 149 6.83 -0.40 -1.90
C ALA B 149 5.45 0.21 -2.17
N GLN B 150 5.02 1.14 -1.30
CA GLN B 150 3.71 1.78 -1.44
CA GLN B 150 3.71 1.77 -1.44
C GLN B 150 3.70 2.62 -2.71
N TYR B 151 4.81 3.33 -2.97
CA TYR B 151 4.92 4.13 -4.18
C TYR B 151 4.80 3.25 -5.44
N LEU B 152 5.49 2.11 -5.46
CA LEU B 152 5.51 1.25 -6.65
C LEU B 152 4.15 0.58 -6.85
N LEU B 153 3.36 0.40 -5.79
CA LEU B 153 2.01 -0.11 -5.95
C LEU B 153 1.14 0.94 -6.63
N ALA B 154 1.43 2.22 -6.41
CA ALA B 154 0.67 3.32 -7.01
C ALA B 154 1.23 3.68 -8.39
N TYR B 155 2.55 3.53 -8.60
CA TYR B 155 3.21 3.88 -9.85
C TYR B 155 4.05 2.70 -10.36
N PRO B 156 3.44 1.55 -10.74
CA PRO B 156 4.21 0.38 -11.13
C PRO B 156 5.13 0.60 -12.35
N GLU B 157 4.69 1.47 -13.27
CA GLU B 157 5.43 1.76 -14.50
C GLU B 157 6.69 2.60 -14.21
N ASP B 158 6.83 3.13 -12.99
CA ASP B 158 8.03 3.91 -12.65
C ASP B 158 9.17 3.01 -12.18
N ALA B 159 8.89 1.74 -11.88
CA ALA B 159 9.90 0.85 -11.31
C ALA B 159 11.15 0.82 -12.18
N LYS B 160 10.96 0.76 -13.50
CA LYS B 160 12.05 0.60 -14.46
C LYS B 160 12.92 1.86 -14.54
N LYS B 161 12.48 2.98 -13.95
CA LYS B 161 13.26 4.21 -13.96
C LYS B 161 13.77 4.58 -12.57
N ILE B 162 13.73 3.63 -11.61
CA ILE B 162 14.23 3.89 -10.27
C ILE B 162 15.43 3.01 -9.99
N ARG B 163 16.46 3.62 -9.40
CA ARG B 163 17.63 2.93 -8.88
C ARG B 163 17.64 3.12 -7.36
N MET B 164 17.71 2.00 -6.63
CA MET B 164 17.73 2.06 -5.18
C MET B 164 19.10 1.64 -4.64
N THR B 165 19.61 2.44 -3.69
CA THR B 165 20.84 2.18 -2.97
C THR B 165 20.50 2.12 -1.49
N THR B 166 20.66 0.95 -0.86
CA THR B 166 20.09 0.75 0.45
C THR B 166 21.11 0.30 1.49
N MET B 167 20.80 0.62 2.74
CA MET B 167 21.38 -0.08 3.88
C MET B 167 20.32 -1.07 4.33
N ALA B 168 20.66 -2.36 4.20
CA ALA B 168 19.70 -3.43 4.46
C ALA B 168 20.40 -4.78 4.32
N GLY B 169 19.96 -5.73 5.15
CA GLY B 169 20.26 -7.13 4.92
C GLY B 169 21.60 -7.56 5.52
N ASN B 170 21.80 -8.88 5.49
CA ASN B 170 23.03 -9.54 5.86
C ASN B 170 23.11 -10.79 4.99
N PHE B 171 24.31 -11.16 4.56
CA PHE B 171 24.43 -12.20 3.55
C PHE B 171 25.37 -13.30 4.04
N MET B 172 26.63 -12.91 4.34
CA MET B 172 27.67 -13.86 4.69
C MET B 172 27.95 -13.82 6.19
N ILE B 173 27.23 -12.98 6.93
CA ILE B 173 27.22 -13.03 8.38
C ILE B 173 25.76 -13.06 8.84
N VAL B 174 25.56 -13.26 10.15
CA VAL B 174 24.23 -13.41 10.70
C VAL B 174 23.59 -12.03 10.94
N GLY B 175 22.36 -12.01 11.45
CA GLY B 175 21.57 -10.80 11.58
C GLY B 175 21.87 -10.06 12.88
N ASN B 176 21.03 -9.07 13.22
CA ASN B 176 21.20 -8.31 14.45
C ASN B 176 20.00 -8.53 15.37
N ILE B 177 18.84 -7.99 15.01
CA ILE B 177 17.66 -8.01 15.86
C ILE B 177 17.05 -9.42 15.89
N MET B 178 17.27 -10.18 14.83
CA MET B 178 16.85 -11.58 14.79
CA MET B 178 16.86 -11.58 14.83
C MET B 178 18.05 -12.43 14.38
N PRO B 179 18.05 -13.75 14.66
CA PRO B 179 19.24 -14.57 14.42
C PRO B 179 19.88 -14.42 13.04
N PHE B 180 19.08 -14.39 11.97
CA PHE B 180 19.65 -14.44 10.63
C PHE B 180 19.19 -13.31 9.74
N ALA B 181 18.54 -12.28 10.31
CA ALA B 181 17.98 -11.21 9.52
C ALA B 181 18.30 -9.85 10.17
N GLU B 182 18.26 -8.82 9.32
CA GLU B 182 18.61 -7.46 9.68
C GLU B 182 17.33 -6.63 9.82
N PHE B 183 17.37 -5.64 10.72
CA PHE B 183 16.20 -4.88 11.15
C PHE B 183 15.40 -4.31 9.98
N ASN B 184 16.05 -3.58 9.09
CA ASN B 184 15.38 -2.89 8.00
C ASN B 184 14.60 -3.85 7.10
N VAL B 185 15.09 -5.08 6.90
CA VAL B 185 14.36 -6.06 6.10
C VAL B 185 13.22 -6.69 6.91
N LEU B 186 13.52 -7.15 8.13
CA LEU B 186 12.58 -7.96 8.88
C LEU B 186 11.36 -7.16 9.36
N ILE B 187 11.47 -5.83 9.41
CA ILE B 187 10.37 -4.98 9.83
C ILE B 187 9.29 -4.94 8.75
N ASP B 188 9.68 -5.07 7.47
CA ASP B 188 8.71 -5.18 6.38
C ASP B 188 9.32 -5.98 5.23
N PRO B 189 9.40 -7.32 5.34
CA PRO B 189 10.04 -8.13 4.31
C PRO B 189 9.25 -8.15 3.00
N GLU B 190 7.93 -8.04 3.10
CA GLU B 190 7.06 -8.01 1.93
C GLU B 190 7.38 -6.79 1.07
N ALA B 191 7.72 -5.67 1.71
CA ALA B 191 8.04 -4.45 0.98
C ALA B 191 9.25 -4.68 0.08
N ILE B 192 10.33 -5.24 0.65
CA ILE B 192 11.55 -5.43 -0.12
C ILE B 192 11.31 -6.52 -1.17
N SER B 193 10.55 -7.56 -0.80
CA SER B 193 10.19 -8.59 -1.77
C SER B 193 9.47 -7.99 -2.98
N ASN B 194 8.49 -7.11 -2.74
CA ASN B 194 7.79 -6.41 -3.80
C ASN B 194 8.77 -5.63 -4.69
N ILE B 195 9.70 -4.92 -4.06
CA ILE B 195 10.61 -4.03 -4.78
C ILE B 195 11.49 -4.84 -5.72
N LEU B 196 12.04 -5.95 -5.22
CA LEU B 196 12.92 -6.81 -6.00
C LEU B 196 12.20 -7.41 -7.20
N GLN B 197 10.88 -7.64 -7.08
CA GLN B 197 10.10 -8.21 -8.16
C GLN B 197 9.62 -7.15 -9.15
N SER B 198 9.79 -5.85 -8.84
CA SER B 198 9.09 -4.77 -9.53
C SER B 198 9.79 -4.34 -10.82
N GLY B 199 11.11 -4.55 -10.91
CA GLY B 199 11.91 -4.02 -12.00
C GLY B 199 12.84 -2.89 -11.58
N VAL B 200 12.84 -2.55 -10.28
CA VAL B 200 13.77 -1.59 -9.75
C VAL B 200 15.19 -2.13 -9.89
N ASP B 201 16.14 -1.23 -10.18
CA ASP B 201 17.56 -1.53 -10.14
C ASP B 201 18.05 -1.39 -8.69
N TYR B 202 18.24 -2.52 -8.01
CA TYR B 202 18.39 -2.55 -6.57
C TYR B 202 19.82 -2.94 -6.19
N THR B 203 20.46 -2.13 -5.33
CA THR B 203 21.76 -2.46 -4.78
C THR B 203 21.68 -2.51 -3.25
N PHE B 204 22.05 -3.68 -2.71
CA PHE B 204 22.37 -3.80 -1.30
C PHE B 204 23.78 -3.25 -1.09
N ALA B 205 23.86 -1.93 -0.90
CA ALA B 205 25.13 -1.23 -0.86
C ALA B 205 25.81 -1.36 0.49
N ALA B 206 25.01 -1.53 1.56
CA ALA B 206 25.54 -1.50 2.92
C ALA B 206 24.81 -2.54 3.77
N PRO B 207 25.02 -3.85 3.52
CA PRO B 207 24.53 -4.88 4.43
C PRO B 207 25.41 -4.91 5.67
N LEU B 208 24.98 -5.67 6.69
CA LEU B 208 25.76 -5.80 7.93
C LEU B 208 27.17 -6.29 7.61
N ASP B 209 27.30 -7.10 6.55
CA ASP B 209 28.59 -7.58 6.08
C ASP B 209 29.61 -6.44 6.00
N ILE B 210 29.16 -5.27 5.54
CA ILE B 210 30.02 -4.11 5.41
C ILE B 210 29.96 -3.25 6.68
N THR B 211 28.75 -2.95 7.15
CA THR B 211 28.58 -1.94 8.19
C THR B 211 29.19 -2.40 9.52
N HIS B 212 29.28 -3.72 9.74
CA HIS B 212 29.92 -4.24 10.94
C HIS B 212 31.44 -4.12 10.88
N THR B 213 31.99 -3.67 9.74
CA THR B 213 33.42 -3.36 9.63
C THR B 213 33.66 -1.85 9.66
N VAL B 214 32.58 -1.06 9.71
CA VAL B 214 32.68 0.39 9.76
C VAL B 214 32.40 0.83 11.19
N LEU B 215 33.47 0.90 11.99
CA LEU B 215 33.35 0.99 13.44
C LEU B 215 33.88 2.33 13.94
N VAL B 216 33.16 2.93 14.89
CA VAL B 216 33.52 4.23 15.45
C VAL B 216 34.54 3.98 16.57
N THR B 217 35.83 3.93 16.18
CA THR B 217 36.92 3.64 17.10
C THR B 217 37.43 4.92 17.74
N GLU B 218 38.36 4.78 18.68
CA GLU B 218 39.00 5.91 19.32
C GLU B 218 39.65 6.81 18.28
N LYS B 219 40.34 6.19 17.29
CA LYS B 219 40.98 6.92 16.23
C LYS B 219 39.97 7.79 15.49
N VAL B 220 38.80 7.21 15.18
CA VAL B 220 37.77 7.95 14.47
C VAL B 220 37.31 9.14 15.32
N ILE B 221 37.07 8.91 16.63
CA ILE B 221 36.60 9.95 17.53
C ILE B 221 37.59 11.12 17.56
N ASN B 222 38.89 10.83 17.60
CA ASN B 222 39.91 11.86 17.66
C ASN B 222 40.01 12.60 16.33
N ASP B 223 39.75 11.90 15.21
CA ASP B 223 39.73 12.54 13.90
C ASP B 223 38.54 13.49 13.81
N ILE B 224 37.39 13.09 14.37
CA ILE B 224 36.21 13.94 14.40
C ILE B 224 36.51 15.22 15.19
N LYS B 225 37.06 15.04 16.40
CA LYS B 225 37.33 16.17 17.28
C LYS B 225 38.29 17.14 16.59
N ALA B 226 39.30 16.62 15.91
CA ALA B 226 40.31 17.44 15.25
C ALA B 226 39.67 18.30 14.16
N ALA B 227 38.64 17.78 13.49
CA ALA B 227 38.05 18.45 12.34
C ALA B 227 36.96 19.43 12.74
N THR B 228 36.33 19.23 13.91
CA THR B 228 35.12 19.95 14.27
C THR B 228 35.33 20.93 15.42
N GLU B 229 36.12 20.53 16.42
CA GLU B 229 36.14 21.22 17.71
C GLU B 229 36.79 22.61 17.58
N PRO B 230 37.71 22.86 16.61
CA PRO B 230 38.17 24.23 16.37
C PRO B 230 37.10 25.20 15.86
N TYR B 231 35.96 24.67 15.40
CA TYR B 231 34.94 25.48 14.76
C TYR B 231 33.66 25.50 15.59
N SER B 232 33.31 24.39 16.24
CA SER B 232 32.10 24.33 17.06
C SER B 232 32.20 23.19 18.07
N PRO B 233 32.76 23.44 19.28
CA PRO B 233 32.86 22.41 20.31
C PRO B 233 31.51 21.82 20.71
N LYS B 234 30.44 22.62 20.61
CA LYS B 234 29.10 22.16 20.92
C LYS B 234 28.66 21.09 19.92
N PHE B 235 28.95 21.29 18.63
CA PHE B 235 28.62 20.31 17.61
C PHE B 235 29.45 19.04 17.82
N THR B 236 30.71 19.21 18.21
CA THR B 236 31.62 18.09 18.44
C THR B 236 31.00 17.12 19.45
N GLU B 237 30.53 17.65 20.58
CA GLU B 237 30.05 16.81 21.67
C GLU B 237 28.71 16.19 21.30
N MET B 238 27.86 16.94 20.58
CA MET B 238 26.58 16.44 20.12
C MET B 238 26.79 15.19 19.26
N ILE B 239 27.71 15.30 18.30
CA ILE B 239 27.89 14.25 17.31
C ILE B 239 28.51 13.02 17.99
N ILE B 240 29.40 13.23 18.98
CA ILE B 240 30.03 12.13 19.69
C ILE B 240 29.00 11.40 20.53
N LYS B 241 28.17 12.17 21.26
CA LYS B 241 27.15 11.61 22.13
C LYS B 241 26.15 10.78 21.34
N LEU B 242 25.85 11.22 20.10
CA LEU B 242 24.91 10.51 19.25
C LEU B 242 25.53 9.23 18.72
N LEU B 243 26.83 9.27 18.38
CA LEU B 243 27.51 8.13 17.80
C LEU B 243 27.68 7.02 18.85
N PHE B 244 27.72 7.39 20.12
CA PHE B 244 28.01 6.46 21.21
C PHE B 244 26.79 6.21 22.09
N PHE B 245 25.59 6.59 21.64
CA PHE B 245 24.42 6.46 22.48
C PHE B 245 24.11 4.99 22.75
N PHE B 246 24.43 4.08 21.81
CA PHE B 246 24.10 2.66 21.97
C PHE B 246 25.35 1.81 22.14
N LYS B 247 26.46 2.44 22.57
CA LYS B 247 27.76 1.78 22.62
C LYS B 247 27.72 0.62 23.63
N ASP B 248 27.09 0.83 24.79
CA ASP B 248 27.00 -0.19 25.83
C ASP B 248 26.23 -1.41 25.33
N THR B 249 25.08 -1.16 24.69
CA THR B 249 24.23 -2.23 24.16
C THR B 249 24.99 -3.02 23.10
N TYR B 250 25.67 -2.31 22.19
CA TYR B 250 26.47 -2.95 21.17
C TYR B 250 27.56 -3.82 21.82
N ARG B 251 28.18 -3.32 22.90
CA ARG B 251 29.24 -4.08 23.54
C ARG B 251 28.65 -5.30 24.26
N ASP B 252 27.70 -5.04 25.16
CA ASP B 252 27.24 -6.05 26.12
C ASP B 252 26.36 -7.09 25.42
N VAL B 253 25.54 -6.66 24.46
CA VAL B 253 24.59 -7.54 23.80
C VAL B 253 25.25 -8.17 22.57
N PHE B 254 26.04 -7.40 21.82
CA PHE B 254 26.45 -7.81 20.48
C PHE B 254 27.97 -8.00 20.37
N GLY B 255 28.70 -7.82 21.47
CA GLY B 255 30.13 -8.11 21.50
C GLY B 255 31.00 -7.07 20.78
N PHE B 256 30.46 -5.87 20.54
CA PHE B 256 31.19 -4.82 19.83
C PHE B 256 32.01 -3.97 20.80
N ILE B 257 33.35 -4.04 20.65
CA ILE B 257 34.24 -3.16 21.40
C ILE B 257 33.93 -1.71 21.00
N ASP B 258 33.88 -1.47 19.68
CA ASP B 258 33.52 -0.18 19.12
C ASP B 258 32.27 -0.37 18.26
N PRO B 259 31.31 0.59 18.31
CA PRO B 259 30.02 0.42 17.63
C PRO B 259 30.08 0.66 16.13
N PRO B 260 29.19 0.03 15.33
CA PRO B 260 29.13 0.26 13.89
C PRO B 260 28.36 1.53 13.53
N LEU B 261 28.61 2.04 12.32
CA LEU B 261 27.84 3.13 11.75
C LEU B 261 27.34 2.63 10.39
N HIS B 262 26.01 2.55 10.24
CA HIS B 262 25.40 1.79 9.16
C HIS B 262 25.08 2.71 7.97
N ASP B 263 24.03 3.53 8.16
CA ASP B 263 23.28 4.15 7.06
C ASP B 263 24.15 5.03 6.17
N PRO B 264 25.09 5.86 6.67
CA PRO B 264 25.87 6.71 5.77
C PRO B 264 26.67 5.92 4.73
N VAL B 265 26.92 4.64 4.98
CA VAL B 265 27.67 3.82 4.04
C VAL B 265 26.89 3.71 2.72
N ALA B 266 25.55 3.68 2.80
CA ALA B 266 24.72 3.60 1.60
C ALA B 266 24.85 4.88 0.76
N ALA B 267 24.86 6.05 1.40
CA ALA B 267 25.03 7.30 0.68
C ALA B 267 26.44 7.37 0.08
N PHE B 268 27.43 6.84 0.80
CA PHE B 268 28.80 6.83 0.29
C PHE B 268 28.88 6.00 -0.99
N HIS B 269 28.05 4.97 -1.11
CA HIS B 269 28.02 4.15 -2.32
C HIS B 269 27.59 5.00 -3.52
N LEU B 270 26.64 5.90 -3.33
CA LEU B 270 26.18 6.75 -4.42
C LEU B 270 27.24 7.80 -4.75
N ILE B 271 28.01 8.22 -3.75
CA ILE B 271 29.05 9.22 -3.94
C ILE B 271 30.26 8.61 -4.65
N ALA B 272 30.67 7.41 -4.23
CA ALA B 272 31.93 6.83 -4.65
C ALA B 272 31.85 5.31 -4.68
N PRO B 273 31.14 4.72 -5.66
CA PRO B 273 30.95 3.26 -5.72
C PRO B 273 32.21 2.45 -6.00
N GLU B 274 33.29 3.12 -6.42
CA GLU B 274 34.53 2.45 -6.77
C GLU B 274 35.17 1.80 -5.54
N TRP B 275 34.76 2.22 -4.33
CA TRP B 275 35.32 1.66 -3.11
C TRP B 275 34.65 0.35 -2.69
N PHE B 276 33.60 -0.06 -3.42
CA PHE B 276 32.81 -1.22 -3.05
C PHE B 276 33.01 -2.36 -4.06
N GLU B 277 33.02 -3.61 -3.57
CA GLU B 277 32.88 -4.75 -4.46
C GLU B 277 31.41 -4.93 -4.79
N HIS B 278 31.14 -5.49 -5.98
CA HIS B 278 29.78 -5.74 -6.44
C HIS B 278 29.69 -7.14 -7.00
N VAL B 279 28.55 -7.79 -6.74
CA VAL B 279 28.21 -9.04 -7.39
C VAL B 279 26.72 -9.02 -7.69
N ARG B 280 26.34 -9.51 -8.87
CA ARG B 280 24.96 -9.65 -9.27
C ARG B 280 24.47 -11.05 -8.90
N CYS B 281 23.23 -11.14 -8.40
CA CYS B 281 22.66 -12.42 -8.03
C CYS B 281 21.15 -12.29 -7.92
N HIS B 282 20.49 -13.42 -7.63
CA HIS B 282 19.08 -13.44 -7.31
C HIS B 282 18.92 -13.48 -5.80
N VAL B 283 18.26 -12.47 -5.24
CA VAL B 283 17.97 -12.41 -3.82
C VAL B 283 16.50 -12.75 -3.60
N ASP B 284 16.26 -13.76 -2.76
CA ASP B 284 14.94 -14.08 -2.27
C ASP B 284 14.81 -13.60 -0.83
N ILE B 285 13.76 -12.83 -0.54
CA ILE B 285 13.48 -12.36 0.81
C ILE B 285 12.51 -13.35 1.45
N GLU B 286 12.88 -13.92 2.60
CA GLU B 286 12.00 -14.83 3.31
C GLU B 286 10.80 -14.05 3.86
N THR B 287 9.58 -14.49 3.53
CA THR B 287 8.36 -13.89 4.06
C THR B 287 7.54 -14.91 4.85
N LYS B 288 7.69 -16.21 4.56
CA LYS B 288 6.87 -17.24 5.19
C LYS B 288 7.47 -17.72 6.51
N GLY B 289 8.79 -17.58 6.68
CA GLY B 289 9.46 -18.08 7.88
C GLY B 289 8.87 -17.50 9.17
N GLU B 290 8.69 -18.36 10.18
CA GLU B 290 8.19 -17.94 11.47
C GLU B 290 9.27 -17.20 12.26
N TYR B 291 10.53 -17.67 12.13
CA TYR B 291 11.63 -17.13 12.91
C TYR B 291 12.67 -16.45 12.02
N THR B 292 12.45 -16.46 10.70
CA THR B 292 13.51 -16.14 9.75
C THR B 292 13.01 -15.17 8.68
N TYR B 293 11.84 -14.55 8.90
CA TYR B 293 11.32 -13.55 7.98
C TYR B 293 12.34 -12.42 7.87
N GLY B 294 12.57 -11.94 6.63
CA GLY B 294 13.52 -10.88 6.38
C GLY B 294 14.93 -11.40 6.03
N CYS B 295 15.14 -12.72 6.09
CA CYS B 295 16.40 -13.28 5.62
C CYS B 295 16.59 -12.99 4.13
N CYS B 296 17.79 -12.54 3.77
CA CYS B 296 18.18 -12.33 2.38
C CYS B 296 18.92 -13.56 1.86
N CYS B 297 18.22 -14.38 1.06
CA CYS B 297 18.76 -15.64 0.59
C CYS B 297 19.13 -15.54 -0.89
N THR B 298 20.39 -15.89 -1.24
CA THR B 298 20.89 -15.64 -2.59
C THR B 298 21.33 -16.94 -3.25
N ASN B 299 21.52 -16.88 -4.58
CA ASN B 299 22.05 -18.00 -5.35
C ASN B 299 23.56 -17.84 -5.60
N LEU B 300 24.25 -17.16 -4.68
CA LEU B 300 25.68 -16.89 -4.84
C LEU B 300 26.50 -18.18 -4.81
N ILE B 301 26.09 -19.14 -3.96
CA ILE B 301 26.80 -20.41 -3.87
C ILE B 301 26.66 -21.18 -5.18
N LEU B 302 25.45 -21.19 -5.77
CA LEU B 302 25.21 -21.92 -7.01
C LEU B 302 25.97 -21.29 -8.18
N LYS B 303 26.23 -19.98 -8.10
CA LYS B 303 27.01 -19.29 -9.11
C LYS B 303 28.47 -19.73 -9.07
N LYS B 304 29.00 -19.95 -7.86
CA LYS B 304 30.39 -20.35 -7.67
C LYS B 304 30.57 -21.84 -7.95
N LYS B 305 29.46 -22.59 -7.99
CA LYS B 305 29.51 -24.01 -8.28
C LYS B 305 29.33 -24.24 -9.79
N ASP B 306 28.19 -23.79 -10.33
CA ASP B 306 27.71 -24.24 -11.63
C ASP B 306 27.00 -23.08 -12.32
N PRO B 307 27.75 -22.06 -12.80
CA PRO B 307 27.16 -20.79 -13.24
C PRO B 307 26.00 -20.94 -14.23
N THR B 308 26.22 -21.72 -15.30
CA THR B 308 25.25 -21.82 -16.38
C THR B 308 24.35 -23.06 -16.19
N LYS B 309 24.02 -23.38 -14.93
CA LYS B 309 22.86 -24.21 -14.64
C LYS B 309 21.95 -23.45 -13.66
N ILE B 310 21.93 -22.12 -13.82
CA ILE B 310 21.17 -21.25 -12.94
C ILE B 310 19.87 -20.86 -13.64
N VAL B 311 18.78 -20.97 -12.88
CA VAL B 311 17.43 -20.81 -13.41
C VAL B 311 16.99 -19.34 -13.23
N LYS B 312 17.09 -18.82 -12.01
CA LYS B 312 16.42 -17.59 -11.65
C LYS B 312 17.26 -16.38 -12.07
N PRO B 313 16.67 -15.37 -12.75
CA PRO B 313 17.44 -14.21 -13.19
C PRO B 313 17.90 -13.36 -12.00
N ASP B 314 19.02 -12.66 -12.22
CA ASP B 314 19.54 -11.71 -11.25
C ASP B 314 18.50 -10.61 -11.02
N ASN B 315 18.35 -10.19 -9.77
CA ASN B 315 17.40 -9.13 -9.47
C ASN B 315 18.03 -8.06 -8.57
N ALA B 316 19.33 -8.16 -8.29
CA ALA B 316 19.96 -7.25 -7.34
C ALA B 316 21.48 -7.29 -7.49
N THR B 317 22.10 -6.19 -7.07
CA THR B 317 23.53 -6.13 -6.82
C THR B 317 23.75 -6.15 -5.32
N VAL B 318 24.76 -6.92 -4.89
CA VAL B 318 25.12 -7.00 -3.48
C VAL B 318 26.58 -6.58 -3.32
N CYS B 319 26.83 -5.69 -2.37
CA CYS B 319 28.17 -5.29 -1.99
C CYS B 319 28.56 -6.00 -0.70
N LEU B 320 29.51 -6.94 -0.80
CA LEU B 320 29.85 -7.83 0.30
C LEU B 320 31.03 -7.29 1.11
N LYS B 321 31.79 -6.36 0.52
CA LYS B 321 32.93 -5.78 1.22
C LYS B 321 33.35 -4.48 0.55
N LEU B 322 34.09 -3.66 1.31
CA LEU B 322 34.78 -2.50 0.78
C LEU B 322 36.14 -2.96 0.27
N LYS B 323 36.63 -2.32 -0.80
CA LYS B 323 37.96 -2.59 -1.31
C LYS B 323 38.99 -1.96 -0.38
N GLU B 324 40.26 -2.34 -0.57
CA GLU B 324 41.37 -1.77 0.17
C GLU B 324 41.32 -0.25 0.00
N GLY B 325 41.42 0.48 1.13
CA GLY B 325 41.39 1.92 1.14
C GLY B 325 39.97 2.47 1.33
N GLY B 326 38.96 1.60 1.19
CA GLY B 326 37.57 2.02 1.23
C GLY B 326 37.13 2.56 2.58
N HIS B 327 37.57 1.90 3.67
CA HIS B 327 37.24 2.34 5.02
C HIS B 327 37.81 3.74 5.26
N ASP B 328 39.06 3.95 4.86
CA ASP B 328 39.73 5.22 5.06
C ASP B 328 39.03 6.30 4.22
N ALA B 329 38.62 5.94 3.00
CA ALA B 329 37.96 6.89 2.11
C ALA B 329 36.61 7.29 2.70
N PHE B 330 35.90 6.32 3.29
CA PHE B 330 34.62 6.59 3.92
C PHE B 330 34.79 7.57 5.08
N TRP B 331 35.74 7.30 5.98
CA TRP B 331 35.92 8.13 7.16
C TRP B 331 36.39 9.54 6.77
N ASN B 332 37.23 9.65 5.72
CA ASN B 332 37.67 10.94 5.23
C ASN B 332 36.49 11.77 4.75
N GLN B 333 35.55 11.11 4.05
CA GLN B 333 34.36 11.76 3.53
C GLN B 333 33.48 12.26 4.68
N MET B 334 33.23 11.41 5.68
CA MET B 334 32.38 11.74 6.81
C MET B 334 32.99 12.90 7.62
N ILE B 335 34.30 12.80 7.90
CA ILE B 335 34.99 13.79 8.72
C ILE B 335 34.96 15.14 8.00
N THR B 336 35.17 15.13 6.67
CA THR B 336 35.09 16.35 5.88
C THR B 336 33.74 17.02 6.07
N VAL B 337 32.65 16.26 5.92
CA VAL B 337 31.31 16.81 6.03
C VAL B 337 31.07 17.36 7.43
N TRP B 338 31.45 16.59 8.46
CA TRP B 338 31.26 17.04 9.83
C TRP B 338 32.03 18.33 10.07
N GLY B 339 33.22 18.43 9.47
CA GLY B 339 34.03 19.64 9.54
C GLY B 339 33.31 20.84 8.92
N GLU B 340 32.66 20.63 7.78
CA GLU B 340 31.96 21.69 7.07
C GLU B 340 30.74 22.13 7.88
N ILE B 341 30.03 21.16 8.45
CA ILE B 341 28.87 21.47 9.29
C ILE B 341 29.32 22.31 10.48
N ALA B 342 30.42 21.88 11.11
CA ALA B 342 30.98 22.57 12.26
C ALA B 342 31.25 24.04 11.94
N LYS B 343 31.78 24.29 10.74
CA LYS B 343 32.12 25.64 10.31
C LYS B 343 30.86 26.48 10.15
N GLU B 344 29.78 25.89 9.63
CA GLU B 344 28.55 26.63 9.41
C GLU B 344 27.84 26.93 10.73
N ILE B 345 27.94 26.01 11.71
CA ILE B 345 27.31 26.20 13.01
C ILE B 345 28.07 27.27 13.79
N GLY B 346 29.40 27.14 13.87
CA GLY B 346 30.24 28.12 14.56
C GLY B 346 30.17 28.01 16.07
#